data_6S4H
#
_entry.id   6S4H
#
_cell.length_a   128.178
_cell.length_b   128.178
_cell.length_c   115.858
_cell.angle_alpha   90.00
_cell.angle_beta   90.00
_cell.angle_gamma   90.00
#
_symmetry.space_group_name_H-M   'P 43 21 2'
#
loop_
_entity.id
_entity.type
_entity.pdbx_description
1 polymer 'Glycogen phosphorylase, muscle form'
2 non-polymer (2~{R},3~{S},4~{R},5~{R},6~{S})-2-(hydroxymethyl)-6-(2-phenyl-1~{H}-imidazol-4-yl)oxane-3,4,5-triol
3 non-polymer 'DIMETHYL SULFOXIDE'
4 non-polymer "PYRIDOXAL-5'-PHOSPHATE"
5 water water
#
_entity_poly.entity_id   1
_entity_poly.type   'polypeptide(L)'
_entity_poly.pdbx_seq_one_letter_code
;MSRPLSDQEKRKQISVRGLAGVENVTELKKNFNRHLHFTLVKDRNVATPRDYYFALAHTVRDHLVGRWIRTQQHYYEKDP
KRIYYLSLEFYMGRTLQNTMVNLALENACDEATYQLGLDMEELEEIEEDAGLGNGGLGRLAACFLDSMATLGLAAYGYGI
RYEFGIFNQKICGGWQMEEADDWLRYGNPWEKARPEFTLPVHFYGRVEHTSQGAKWVDTQVVLAMPYDTPVPGYRNNVVN
TMRLWSAKAPNDFNLKDFNVGGYIQAVLDRNLAENISRVLYPNDNFFEGKELRLKQEYFVVAATLQDIIRRFKSSKFGCR
DPVRTNFDAFPDKVAIQLNDTHPSLAIPELMRVLVDLERLDWDKAWEVTVKTCAYTNHTVLPEALERWPVHLLETLLPRH
LQIIYEINQRFLNRVAAAFPGDVDRLRRMSLVEEGAVKRINMAHLCIAGSHAVNGVARIHSEILKKTIFKDFYELEPHKF
QNKTNGITPRRWLVLCNPGLAEIIAERIGEEYISDLDQLRKLLSYVDDEAFIRDVAKVKQENKLKFAAYLEREYKVHINP
NSLFDVQVKRIHEYKRQLLNCLHVITLYNRIKKEPNKFVVPRTVMIGGKAAPGYHMAKMIIKLITAIGDVVNHDPVVGDR
LRVIFLENYRVSLAEKVIPAADLSEQISTAGTEASGTGNMKFMLNGALTIGTMDGANVEMAEEAGEENFFIFGMRVEDVD
RLDQRGYNAQEYYDRIPELRQIIEQLSSGFFSPKQPDLFKDIVNMLMHHDRFKVFADYEEYVKCQERVSALYKNPREWTR
MVIRNIATSGKFSSDRTIAQYAREIWGVEPSRQRLPAPDEKIP
;
_entity_poly.pdbx_strand_id   A
#
loop_
_chem_comp.id
_chem_comp.type
_chem_comp.name
_chem_comp.formula
DMS non-polymer 'DIMETHYL SULFOXIDE' 'C2 H6 O S'
KUQ non-polymer (2~{R},3~{S},4~{R},5~{R},6~{S})-2-(hydroxymethyl)-6-(2-phenyl-1~{H}-imidazol-4-yl)oxane-3,4,5-triol 'C15 H18 N2 O5'
PLP non-polymer PYRIDOXAL-5'-PHOSPHATE 'C8 H10 N O6 P'
#
# COMPACT_ATOMS: atom_id res chain seq x y z
N GLN A 13 18.35 6.45 -25.34
CA GLN A 13 18.64 4.99 -25.51
C GLN A 13 17.37 4.27 -26.00
N ILE A 14 16.33 4.12 -25.15
CA ILE A 14 15.04 3.42 -25.44
C ILE A 14 13.90 4.44 -25.65
N SER A 15 12.93 4.11 -26.52
CA SER A 15 11.90 5.03 -27.09
C SER A 15 10.92 5.54 -26.02
N VAL A 16 10.45 4.67 -25.10
CA VAL A 16 9.43 5.02 -24.05
C VAL A 16 10.04 5.98 -23.00
N ARG A 17 11.34 6.26 -23.04
CA ARG A 17 12.00 7.24 -22.13
C ARG A 17 11.99 8.66 -22.75
N GLY A 18 11.37 8.84 -23.93
CA GLY A 18 11.14 10.17 -24.56
C GLY A 18 12.31 10.67 -25.38
N LEU A 19 12.26 11.91 -25.86
CA LEU A 19 13.29 12.52 -26.75
C LEU A 19 14.36 13.22 -25.92
N ALA A 20 15.59 13.22 -26.41
CA ALA A 20 16.71 14.03 -25.90
C ALA A 20 17.07 15.06 -26.97
N GLY A 21 16.22 16.07 -27.15
CA GLY A 21 16.48 17.22 -28.06
C GLY A 21 17.68 18.04 -27.64
N VAL A 22 18.45 18.55 -28.61
CA VAL A 22 19.69 19.34 -28.38
C VAL A 22 19.38 20.53 -27.46
N GLU A 23 18.27 21.24 -27.71
CA GLU A 23 17.83 22.43 -26.92
C GLU A 23 17.59 21.99 -25.48
N ASN A 24 16.76 20.96 -25.33
CA ASN A 24 16.31 20.41 -24.04
C ASN A 24 17.52 20.02 -23.18
N VAL A 25 18.50 19.31 -23.76
CA VAL A 25 19.67 18.77 -23.02
C VAL A 25 20.53 19.95 -22.54
N THR A 26 20.74 20.95 -23.40
CA THR A 26 21.55 22.16 -23.11
C THR A 26 20.94 22.89 -21.91
N GLU A 27 19.61 23.04 -21.90
CA GLU A 27 18.89 23.80 -20.83
C GLU A 27 18.95 23.02 -19.52
N LEU A 28 18.77 21.70 -19.55
CA LEU A 28 18.87 20.85 -18.34
C LEU A 28 20.27 21.03 -17.73
N LYS A 29 21.32 21.08 -18.56
CA LYS A 29 22.72 21.15 -18.06
C LYS A 29 22.98 22.51 -17.43
N LYS A 30 22.56 23.60 -18.04
CA LYS A 30 22.86 24.94 -17.49
C LYS A 30 22.08 25.11 -16.19
N ASN A 31 20.88 24.56 -16.10
CA ASN A 31 20.02 24.65 -14.90
C ASN A 31 20.57 23.75 -13.79
N PHE A 32 21.12 22.58 -14.13
CA PHE A 32 21.82 21.69 -13.17
C PHE A 32 22.98 22.45 -12.51
N ASN A 33 23.82 23.11 -13.30
CA ASN A 33 24.96 23.92 -12.83
C ASN A 33 24.45 25.13 -12.07
N ARG A 34 23.31 25.72 -12.46
CA ARG A 34 22.72 26.87 -11.73
C ARG A 34 22.35 26.40 -10.32
N HIS A 35 21.56 25.33 -10.19
CA HIS A 35 21.15 24.79 -8.87
C HIS A 35 22.39 24.40 -8.04
N LEU A 36 23.41 23.79 -8.65
CA LEU A 36 24.61 23.30 -7.91
C LEU A 36 25.29 24.53 -7.28
N HIS A 37 25.45 25.60 -8.05
CA HIS A 37 26.06 26.87 -7.61
C HIS A 37 25.14 27.58 -6.60
N PHE A 38 23.96 28.02 -7.01
CA PHE A 38 23.09 28.94 -6.22
C PHE A 38 22.30 28.18 -5.17
N THR A 39 21.70 27.05 -5.52
CA THR A 39 20.78 26.33 -4.60
C THR A 39 21.59 25.56 -3.54
N LEU A 40 22.65 24.88 -3.94
CA LEU A 40 23.41 23.97 -3.06
C LEU A 40 24.66 24.66 -2.53
N VAL A 41 25.06 25.78 -3.13
CA VAL A 41 26.28 26.53 -2.71
C VAL A 41 27.44 25.53 -2.65
N LYS A 42 27.74 24.91 -3.78
CA LYS A 42 28.88 24.00 -3.98
C LYS A 42 29.57 24.37 -5.28
N ASP A 43 30.89 24.27 -5.35
CA ASP A 43 31.64 24.23 -6.64
C ASP A 43 31.72 22.74 -7.02
N ARG A 44 32.08 22.44 -8.26
CA ARG A 44 32.13 21.04 -8.79
C ARG A 44 33.23 20.26 -8.04
N ASN A 45 34.27 20.91 -7.54
CA ASN A 45 35.46 20.25 -6.91
C ASN A 45 35.15 19.76 -5.49
N VAL A 46 33.98 20.04 -4.92
CA VAL A 46 33.64 19.54 -3.55
C VAL A 46 32.30 18.79 -3.55
N ALA A 47 31.54 18.85 -4.64
CA ALA A 47 30.24 18.16 -4.77
C ALA A 47 30.40 16.65 -4.57
N THR A 48 29.57 16.06 -3.73
CA THR A 48 29.41 14.59 -3.57
C THR A 48 28.30 14.12 -4.48
N PRO A 49 28.20 12.81 -4.76
CA PRO A 49 27.04 12.30 -5.48
C PRO A 49 25.72 12.83 -4.89
N ARG A 50 25.62 13.03 -3.57
CA ARG A 50 24.38 13.51 -2.92
C ARG A 50 24.06 14.93 -3.45
N ASP A 51 25.05 15.81 -3.50
CA ASP A 51 24.91 17.15 -4.11
C ASP A 51 24.39 17.04 -5.55
N TYR A 52 24.96 16.15 -6.36
CA TYR A 52 24.57 15.99 -7.78
C TYR A 52 23.13 15.50 -7.88
N TYR A 53 22.71 14.61 -6.98
CA TYR A 53 21.31 14.12 -6.94
C TYR A 53 20.38 15.31 -6.66
N PHE A 54 20.75 16.15 -5.70
CA PHE A 54 19.94 17.31 -5.29
C PHE A 54 19.85 18.31 -6.44
N ALA A 55 20.94 18.53 -7.17
CA ALA A 55 20.94 19.52 -8.29
C ALA A 55 19.99 19.01 -9.37
N LEU A 56 19.97 17.70 -9.62
CA LEU A 56 19.07 17.08 -10.62
C LEU A 56 17.63 17.17 -10.13
N ALA A 57 17.36 16.82 -8.88
CA ALA A 57 16.00 16.91 -8.29
C ALA A 57 15.45 18.35 -8.47
N HIS A 58 16.22 19.38 -8.13
CA HIS A 58 15.77 20.80 -8.23
C HIS A 58 15.50 21.18 -9.71
N THR A 59 16.32 20.66 -10.64
CA THR A 59 16.19 20.88 -12.10
C THR A 59 14.90 20.23 -12.65
N VAL A 60 14.62 19.00 -12.25
CA VAL A 60 13.40 18.29 -12.71
C VAL A 60 12.19 18.99 -12.06
N ARG A 61 12.32 19.40 -10.81
CA ARG A 61 11.21 20.01 -10.04
C ARG A 61 10.81 21.32 -10.72
N ASP A 62 11.78 22.05 -11.27
CA ASP A 62 11.51 23.30 -12.02
C ASP A 62 10.52 23.03 -13.16
N HIS A 63 10.53 21.85 -13.79
CA HIS A 63 9.60 21.49 -14.90
C HIS A 63 8.17 21.24 -14.39
N LEU A 64 7.99 20.94 -13.10
CA LEU A 64 6.67 20.67 -12.48
C LEU A 64 5.92 21.98 -12.20
N VAL A 65 6.63 23.08 -11.97
CA VAL A 65 6.12 24.25 -11.21
C VAL A 65 5.04 24.97 -12.03
N GLY A 66 5.33 25.29 -13.27
CA GLY A 66 4.39 26.00 -14.16
C GLY A 66 3.13 25.19 -14.32
N ARG A 67 3.30 23.90 -14.56
CA ARG A 67 2.19 22.90 -14.72
C ARG A 67 1.35 22.82 -13.43
N TRP A 68 1.99 22.76 -12.25
CA TRP A 68 1.33 22.77 -10.93
C TRP A 68 0.48 24.04 -10.75
N ILE A 69 1.08 25.21 -10.99
CA ILE A 69 0.40 26.53 -10.83
C ILE A 69 -0.80 26.61 -11.79
N ARG A 70 -0.63 26.22 -13.04
CA ARG A 70 -1.69 26.27 -14.08
C ARG A 70 -2.81 25.26 -13.76
N THR A 71 -2.49 24.07 -13.27
CA THR A 71 -3.51 23.04 -12.93
C THR A 71 -4.41 23.57 -11.80
N GLN A 72 -3.80 24.09 -10.73
CA GLN A 72 -4.57 24.60 -9.56
C GLN A 72 -5.40 25.81 -10.03
N GLN A 73 -4.78 26.69 -10.81
CA GLN A 73 -5.44 27.80 -11.55
C GLN A 73 -6.67 27.26 -12.28
N HIS A 74 -6.49 26.30 -13.19
CA HIS A 74 -7.57 25.75 -14.05
C HIS A 74 -8.73 25.24 -13.17
N TYR A 75 -8.44 24.60 -12.04
CA TYR A 75 -9.49 24.05 -11.15
C TYR A 75 -10.27 25.19 -10.50
N TYR A 76 -9.64 26.33 -10.25
CA TYR A 76 -10.34 27.57 -9.80
C TYR A 76 -11.26 28.08 -10.92
N GLU A 77 -10.77 28.25 -12.16
CA GLU A 77 -11.60 28.72 -13.29
C GLU A 77 -12.83 27.80 -13.39
N LYS A 78 -12.59 26.52 -13.68
CA LYS A 78 -13.61 25.53 -14.10
C LYS A 78 -14.48 25.13 -12.91
N ASP A 79 -13.99 25.30 -11.68
CA ASP A 79 -14.70 24.84 -10.45
C ASP A 79 -15.32 23.44 -10.64
N PRO A 80 -14.54 22.38 -10.97
CA PRO A 80 -15.11 21.04 -11.08
C PRO A 80 -15.41 20.53 -9.67
N LYS A 81 -16.17 19.44 -9.59
CA LYS A 81 -16.29 18.64 -8.35
C LYS A 81 -14.90 18.17 -7.93
N ARG A 82 -14.59 18.29 -6.64
CA ARG A 82 -13.24 18.00 -6.11
C ARG A 82 -13.27 16.72 -5.27
N ILE A 83 -12.32 15.82 -5.53
CA ILE A 83 -12.14 14.53 -4.81
C ILE A 83 -11.08 14.73 -3.73
N TYR A 84 -11.44 14.39 -2.51
CA TYR A 84 -10.53 14.39 -1.35
C TYR A 84 -10.33 12.94 -0.92
N TYR A 85 -9.12 12.43 -1.16
CA TYR A 85 -8.68 11.08 -0.73
C TYR A 85 -8.02 11.22 0.65
N LEU A 86 -8.75 10.88 1.73
CA LEU A 86 -8.21 10.92 3.12
C LEU A 86 -7.57 9.58 3.47
N SER A 87 -6.27 9.57 3.75
CA SER A 87 -5.51 8.37 4.18
C SER A 87 -4.54 8.77 5.28
N LEU A 88 -4.30 7.88 6.25
CA LEU A 88 -3.22 8.04 7.27
C LEU A 88 -1.90 7.62 6.62
N GLU A 89 -1.95 7.04 5.40
CA GLU A 89 -0.77 6.45 4.74
C GLU A 89 -0.75 6.82 3.26
N PHE A 90 0.43 7.27 2.79
CA PHE A 90 0.81 7.47 1.38
C PHE A 90 2.22 6.92 1.22
N TYR A 91 2.33 5.71 0.68
CA TYR A 91 3.63 5.01 0.50
C TYR A 91 4.15 5.39 -0.89
N MET A 92 4.82 6.53 -0.97
CA MET A 92 5.14 7.23 -2.24
C MET A 92 6.41 6.64 -2.88
N GLY A 93 7.37 6.23 -2.07
CA GLY A 93 8.70 5.82 -2.55
C GLY A 93 9.45 7.03 -3.08
N ARG A 94 10.32 6.83 -4.07
CA ARG A 94 11.14 7.90 -4.63
C ARG A 94 10.31 8.65 -5.66
N THR A 95 10.60 9.94 -5.82
CA THR A 95 9.83 10.88 -6.66
C THR A 95 10.59 11.21 -7.97
N LEU A 96 11.91 11.11 -8.00
CA LEU A 96 12.74 11.72 -9.08
C LEU A 96 12.43 11.05 -10.43
N GLN A 97 12.58 9.72 -10.50
CA GLN A 97 12.39 8.95 -11.75
C GLN A 97 10.91 9.02 -12.16
N ASN A 98 9.99 8.96 -11.21
CA ASN A 98 8.54 9.01 -11.52
C ASN A 98 8.23 10.35 -12.18
N THR A 99 8.80 11.44 -11.66
CA THR A 99 8.58 12.80 -12.20
C THR A 99 9.09 12.84 -13.65
N MET A 100 10.31 12.33 -13.90
CA MET A 100 10.92 12.31 -15.26
C MET A 100 10.02 11.50 -16.21
N VAL A 101 9.59 10.31 -15.78
CA VAL A 101 8.71 9.44 -16.62
C VAL A 101 7.48 10.25 -17.05
N ASN A 102 6.81 10.91 -16.12
CA ASN A 102 5.46 11.52 -16.34
C ASN A 102 5.62 12.81 -17.14
N LEU A 103 6.83 13.39 -17.17
CA LEU A 103 7.08 14.65 -17.93
C LEU A 103 7.88 14.34 -19.19
N ALA A 104 8.16 13.07 -19.48
CA ALA A 104 8.91 12.60 -20.68
C ALA A 104 10.33 13.18 -20.72
N LEU A 105 10.99 13.33 -19.55
CA LEU A 105 12.30 14.03 -19.40
C LEU A 105 13.43 13.02 -19.24
N GLU A 106 13.10 11.73 -19.19
CA GLU A 106 14.04 10.70 -18.68
C GLU A 106 15.28 10.60 -19.57
N ASN A 107 15.11 10.52 -20.89
CA ASN A 107 16.26 10.36 -21.84
C ASN A 107 17.05 11.67 -21.86
N ALA A 108 16.35 12.80 -21.85
CA ALA A 108 16.98 14.15 -21.88
C ALA A 108 17.89 14.26 -20.64
N CYS A 109 17.36 13.92 -19.46
CA CYS A 109 18.09 14.00 -18.17
C CYS A 109 19.25 13.01 -18.18
N ASP A 110 19.04 11.82 -18.73
CA ASP A 110 20.13 10.81 -18.87
C ASP A 110 21.25 11.40 -19.71
N GLU A 111 20.90 12.00 -20.84
CA GLU A 111 21.85 12.60 -21.80
C GLU A 111 22.59 13.76 -21.12
N ALA A 112 21.84 14.66 -20.46
CA ALA A 112 22.33 15.88 -19.78
C ALA A 112 23.33 15.49 -18.69
N THR A 113 22.95 14.55 -17.83
CA THR A 113 23.82 14.06 -16.74
C THR A 113 25.02 13.34 -17.34
N TYR A 114 24.81 12.46 -18.33
CA TYR A 114 25.90 11.74 -19.07
C TYR A 114 26.95 12.75 -19.54
N GLN A 115 26.55 13.87 -20.16
CA GLN A 115 27.49 14.88 -20.73
C GLN A 115 28.21 15.66 -19.62
N LEU A 116 27.67 15.73 -18.41
CA LEU A 116 28.38 16.33 -17.25
C LEU A 116 29.22 15.27 -16.52
N GLY A 117 29.30 14.06 -17.08
CA GLY A 117 30.16 12.97 -16.59
C GLY A 117 29.55 12.27 -15.40
N LEU A 118 28.23 12.25 -15.29
CA LEU A 118 27.52 11.62 -14.15
C LEU A 118 26.63 10.49 -14.67
N ASP A 119 26.41 9.46 -13.85
CA ASP A 119 25.46 8.36 -14.14
C ASP A 119 24.16 8.64 -13.36
N MET A 120 23.10 9.03 -14.07
CA MET A 120 21.77 9.30 -13.51
C MET A 120 21.29 8.13 -12.61
N GLU A 121 21.52 6.87 -13.00
CA GLU A 121 21.03 5.69 -12.22
C GLU A 121 21.67 5.70 -10.83
N GLU A 122 22.94 6.07 -10.75
CA GLU A 122 23.71 6.19 -9.50
C GLU A 122 23.10 7.30 -8.63
N LEU A 123 22.71 8.45 -9.20
CA LEU A 123 22.07 9.59 -8.46
C LEU A 123 20.66 9.22 -7.97
N GLU A 124 19.90 8.47 -8.77
CA GLU A 124 18.53 7.99 -8.42
C GLU A 124 18.59 7.20 -7.10
N GLU A 125 19.64 6.40 -6.93
CA GLU A 125 19.82 5.48 -5.78
C GLU A 125 20.05 6.27 -4.47
N ILE A 126 20.36 7.57 -4.54
CA ILE A 126 20.65 8.40 -3.34
C ILE A 126 19.35 8.87 -2.71
N GLU A 127 18.30 9.00 -3.51
CA GLU A 127 16.99 9.51 -3.02
C GLU A 127 16.42 8.54 -1.97
N GLU A 128 16.01 9.06 -0.82
CA GLU A 128 15.29 8.30 0.23
C GLU A 128 13.87 8.02 -0.27
N ASP A 129 13.37 6.80 -0.05
CA ASP A 129 11.93 6.48 -0.12
C ASP A 129 11.14 7.37 0.83
N ALA A 130 10.11 8.07 0.37
CA ALA A 130 9.04 8.56 1.27
C ALA A 130 8.22 7.35 1.77
N GLY A 131 8.58 6.81 2.92
CA GLY A 131 7.97 5.59 3.46
C GLY A 131 6.87 5.93 4.45
N LEU A 132 5.93 6.75 4.04
CA LEU A 132 4.81 7.21 4.90
C LEU A 132 3.67 6.19 4.80
N GLY A 133 4.00 4.89 4.77
CA GLY A 133 2.99 3.81 4.77
C GLY A 133 3.57 2.48 5.20
N ASN A 134 2.69 1.50 5.45
CA ASN A 134 3.05 0.17 5.99
C ASN A 134 3.24 -0.85 4.88
N GLY A 135 2.37 -0.81 3.86
CA GLY A 135 2.36 -1.79 2.77
C GLY A 135 1.26 -1.52 1.77
N GLY A 136 0.33 -2.46 1.63
CA GLY A 136 -0.65 -2.46 0.52
C GLY A 136 -1.55 -1.24 0.55
N LEU A 137 -2.07 -0.92 1.72
CA LEU A 137 -3.05 0.18 1.89
C LEU A 137 -2.35 1.50 1.54
N GLY A 138 -1.15 1.73 2.06
CA GLY A 138 -0.46 3.00 1.82
C GLY A 138 -0.08 3.13 0.37
N ARG A 139 0.29 2.01 -0.26
CA ARG A 139 0.84 2.01 -1.64
C ARG A 139 -0.34 2.16 -2.60
N LEU A 140 -1.54 1.72 -2.20
CA LEU A 140 -2.76 1.83 -3.04
C LEU A 140 -3.13 3.32 -3.14
N ALA A 141 -2.92 4.06 -2.04
CA ALA A 141 -3.14 5.51 -1.99
C ALA A 141 -2.20 6.21 -2.99
N ALA A 142 -0.94 5.79 -3.06
CA ALA A 142 0.09 6.37 -3.94
C ALA A 142 -0.22 6.07 -5.43
N CYS A 143 -0.66 4.85 -5.73
CA CYS A 143 -1.06 4.43 -7.10
C CYS A 143 -2.33 5.20 -7.52
N PHE A 144 -3.26 5.38 -6.58
CA PHE A 144 -4.50 6.16 -6.79
C PHE A 144 -4.18 7.62 -7.16
N LEU A 145 -3.26 8.31 -6.47
CA LEU A 145 -2.97 9.75 -6.74
C LEU A 145 -2.45 9.88 -8.18
N ASP A 146 -1.49 9.03 -8.53
CA ASP A 146 -0.94 8.89 -9.90
C ASP A 146 -2.07 8.71 -10.93
N SER A 147 -2.98 7.75 -10.74
CA SER A 147 -4.08 7.50 -11.71
C SER A 147 -5.06 8.70 -11.72
N MET A 148 -5.34 9.31 -10.56
CA MET A 148 -6.27 10.47 -10.48
C MET A 148 -5.72 11.63 -11.32
N ALA A 149 -4.41 11.85 -11.31
CA ALA A 149 -3.71 12.91 -12.05
C ALA A 149 -3.71 12.57 -13.55
N THR A 150 -3.35 11.33 -13.86
CA THR A 150 -3.40 10.76 -15.22
C THR A 150 -4.83 10.85 -15.81
N LEU A 151 -5.90 10.71 -15.01
CA LEU A 151 -7.29 10.77 -15.54
C LEU A 151 -7.90 12.16 -15.32
N GLY A 152 -7.07 13.17 -15.03
CA GLY A 152 -7.49 14.59 -15.05
C GLY A 152 -8.56 14.91 -14.03
N LEU A 153 -8.59 14.20 -12.89
CA LEU A 153 -9.59 14.47 -11.82
C LEU A 153 -9.00 15.53 -10.89
N ALA A 154 -9.87 16.44 -10.42
CA ALA A 154 -9.49 17.54 -9.51
C ALA A 154 -9.40 16.95 -8.10
N ALA A 155 -8.34 16.16 -7.87
CA ALA A 155 -8.19 15.23 -6.73
C ALA A 155 -7.06 15.72 -5.83
N TYR A 156 -7.24 15.58 -4.53
CA TYR A 156 -6.27 16.00 -3.48
C TYR A 156 -6.07 14.83 -2.55
N GLY A 157 -4.83 14.40 -2.38
CA GLY A 157 -4.45 13.46 -1.30
C GLY A 157 -4.22 14.24 -0.01
N TYR A 158 -4.90 13.86 1.06
CA TYR A 158 -4.72 14.51 2.39
C TYR A 158 -4.26 13.48 3.40
N GLY A 159 -3.17 13.79 4.08
CA GLY A 159 -2.63 12.89 5.12
C GLY A 159 -1.75 13.64 6.09
N ILE A 160 -0.83 12.92 6.70
CA ILE A 160 0.08 13.42 7.76
C ILE A 160 1.50 13.31 7.24
N ARG A 161 2.24 14.41 7.35
CA ARG A 161 3.70 14.44 7.15
C ARG A 161 4.38 13.89 8.41
N TYR A 162 4.55 12.58 8.47
CA TYR A 162 5.29 11.95 9.59
C TYR A 162 6.76 12.33 9.43
N GLU A 163 7.37 12.77 10.53
CA GLU A 163 8.83 13.07 10.57
C GLU A 163 9.60 11.76 10.38
N PHE A 164 9.03 10.64 10.86
CA PHE A 164 9.60 9.27 10.77
C PHE A 164 8.57 8.35 10.11
N GLY A 165 8.94 7.76 8.97
CA GLY A 165 8.09 6.82 8.22
C GLY A 165 8.27 5.42 8.75
N ILE A 166 7.93 4.42 7.93
CA ILE A 166 8.13 3.00 8.31
C ILE A 166 9.63 2.81 8.61
N PHE A 167 9.92 2.22 9.76
CA PHE A 167 11.29 1.96 10.26
C PHE A 167 12.12 1.22 9.21
N ASN A 168 13.42 1.53 9.17
CA ASN A 168 14.45 0.76 8.46
C ASN A 168 14.66 -0.54 9.24
N GLN A 169 14.64 -1.67 8.53
CA GLN A 169 14.84 -3.04 9.05
C GLN A 169 16.31 -3.45 8.86
N LYS A 170 17.00 -3.74 9.97
CA LYS A 170 18.33 -4.39 9.98
C LYS A 170 18.13 -5.83 10.46
N ILE A 171 18.82 -6.81 9.86
CA ILE A 171 18.93 -8.18 10.42
C ILE A 171 20.22 -8.26 11.23
N CYS A 172 20.13 -8.61 12.51
CA CYS A 172 21.27 -8.86 13.42
C CYS A 172 21.12 -10.28 13.97
N GLY A 173 22.09 -11.14 13.69
CA GLY A 173 22.07 -12.56 14.10
C GLY A 173 20.77 -13.20 13.66
N GLY A 174 20.25 -12.80 12.49
CA GLY A 174 18.99 -13.30 11.93
C GLY A 174 17.74 -12.71 12.57
N TRP A 175 17.86 -11.72 13.46
CA TRP A 175 16.70 -11.04 14.09
C TRP A 175 16.51 -9.65 13.48
N GLN A 176 15.26 -9.28 13.24
CA GLN A 176 14.86 -7.90 12.90
C GLN A 176 15.23 -6.97 14.05
N MET A 177 16.04 -5.96 13.76
CA MET A 177 16.22 -4.75 14.58
C MET A 177 15.58 -3.58 13.82
N GLU A 178 14.91 -2.69 14.54
CA GLU A 178 14.24 -1.50 13.95
C GLU A 178 15.16 -0.31 14.15
N GLU A 179 15.26 0.56 13.16
CA GLU A 179 15.85 1.89 13.38
C GLU A 179 15.03 2.95 12.63
N ALA A 180 15.03 4.13 13.22
CA ALA A 180 14.22 5.30 12.84
C ALA A 180 14.54 5.66 11.39
N ASP A 181 13.50 5.81 10.58
CA ASP A 181 13.54 6.26 9.17
C ASP A 181 13.57 7.79 9.19
N ASP A 182 14.76 8.38 9.31
CA ASP A 182 14.99 9.85 9.33
C ASP A 182 15.03 10.36 7.90
N TRP A 183 13.94 10.22 7.15
CA TRP A 183 13.87 10.48 5.68
C TRP A 183 14.05 11.97 5.35
N LEU A 184 13.85 12.90 6.29
CA LEU A 184 13.97 14.37 6.05
C LEU A 184 15.37 14.91 6.43
N ARG A 185 16.25 14.10 7.00
CA ARG A 185 17.59 14.54 7.48
C ARG A 185 18.20 15.55 6.48
N TYR A 186 18.27 15.17 5.21
CA TYR A 186 18.98 15.90 4.11
C TYR A 186 18.03 16.86 3.38
N GLY A 187 16.77 16.97 3.81
CA GLY A 187 15.75 17.81 3.16
C GLY A 187 14.95 17.05 2.11
N ASN A 188 13.72 17.49 1.88
CA ASN A 188 12.79 16.95 0.85
C ASN A 188 12.59 18.05 -0.21
N PRO A 189 13.21 17.95 -1.40
CA PRO A 189 13.07 18.99 -2.41
C PRO A 189 11.68 18.99 -3.09
N TRP A 190 10.89 17.94 -2.88
CA TRP A 190 9.61 17.72 -3.58
C TRP A 190 8.50 18.47 -2.85
N GLU A 191 8.63 18.68 -1.54
CA GLU A 191 7.56 19.32 -0.74
C GLU A 191 7.72 20.84 -0.76
N LYS A 192 6.61 21.56 -0.63
CA LYS A 192 6.57 23.02 -0.43
C LYS A 192 5.74 23.31 0.81
N ALA A 193 6.41 23.80 1.85
CA ALA A 193 5.76 24.19 3.11
C ALA A 193 4.81 25.35 2.80
N ARG A 194 3.61 25.33 3.36
CA ARG A 194 2.65 26.44 3.20
C ARG A 194 2.23 26.92 4.58
N PRO A 195 3.17 27.49 5.39
CA PRO A 195 2.86 27.89 6.76
C PRO A 195 1.74 28.94 6.85
N GLU A 196 1.48 29.63 5.74
CA GLU A 196 0.39 30.63 5.59
C GLU A 196 -1.00 29.96 5.59
N PHE A 197 -1.12 28.66 5.36
CA PHE A 197 -2.45 27.97 5.38
C PHE A 197 -2.57 27.12 6.65
N THR A 198 -1.83 27.49 7.71
CA THR A 198 -1.88 26.81 9.02
C THR A 198 -3.26 26.98 9.65
N LEU A 199 -3.77 25.89 10.24
CA LEU A 199 -5.16 25.81 10.76
C LEU A 199 -5.12 25.26 12.18
N PRO A 200 -6.01 25.72 13.08
CA PRO A 200 -6.09 25.16 14.43
C PRO A 200 -6.86 23.83 14.43
N VAL A 201 -6.40 22.90 15.26
CA VAL A 201 -7.12 21.63 15.60
C VAL A 201 -7.31 21.59 17.12
N HIS A 202 -8.50 21.19 17.56
CA HIS A 202 -8.90 21.22 18.99
C HIS A 202 -8.97 19.80 19.56
N PHE A 203 -8.57 19.66 20.82
CA PHE A 203 -8.57 18.40 21.61
C PHE A 203 -9.04 18.71 23.03
N TYR A 204 -9.60 17.70 23.68
CA TYR A 204 -10.03 17.70 25.09
C TYR A 204 -11.22 18.66 25.19
N GLY A 205 -11.16 19.63 26.10
CA GLY A 205 -12.29 20.52 26.42
C GLY A 205 -13.49 19.75 26.97
N ARG A 206 -14.65 20.41 26.93
CA ARG A 206 -15.95 19.88 27.40
C ARG A 206 -17.01 20.53 26.51
N VAL A 207 -18.26 20.11 26.65
CA VAL A 207 -19.41 20.63 25.87
C VAL A 207 -20.29 21.43 26.83
N GLU A 208 -20.49 22.72 26.52
CA GLU A 208 -21.60 23.55 27.06
C GLU A 208 -22.77 23.46 26.07
N HIS A 209 -23.97 23.22 26.58
CA HIS A 209 -25.26 23.42 25.84
C HIS A 209 -25.79 24.82 26.18
N THR A 210 -26.00 25.67 25.18
CA THR A 210 -26.61 27.01 25.33
C THR A 210 -27.97 27.02 24.61
N SER A 211 -28.60 28.20 24.52
CA SER A 211 -29.83 28.48 23.73
C SER A 211 -29.55 28.23 22.25
N GLN A 212 -28.40 28.74 21.78
CA GLN A 212 -27.88 28.56 20.40
C GLN A 212 -27.03 27.27 20.33
N GLY A 213 -27.57 26.12 20.77
CA GLY A 213 -27.00 24.77 20.56
C GLY A 213 -25.75 24.49 21.40
N ALA A 214 -25.04 23.41 21.06
CA ALA A 214 -23.84 22.90 21.75
C ALA A 214 -22.59 23.72 21.36
N LYS A 215 -21.65 23.86 22.30
CA LYS A 215 -20.39 24.64 22.16
C LYS A 215 -19.25 23.81 22.76
N TRP A 216 -18.21 23.56 21.97
CA TRP A 216 -16.99 22.83 22.42
C TRP A 216 -16.01 23.87 22.94
N VAL A 217 -15.71 23.86 24.25
CA VAL A 217 -14.97 24.95 24.95
C VAL A 217 -13.80 24.34 25.74
N ASP A 218 -12.88 25.20 26.19
CA ASP A 218 -11.69 24.87 27.03
C ASP A 218 -10.84 23.81 26.33
N THR A 219 -10.70 23.90 25.01
CA THR A 219 -9.96 22.88 24.22
C THR A 219 -8.46 23.20 24.25
N GLN A 220 -7.64 22.19 23.96
CA GLN A 220 -6.20 22.36 23.68
C GLN A 220 -6.04 22.51 22.17
N VAL A 221 -5.29 23.53 21.76
CA VAL A 221 -5.08 23.88 20.33
C VAL A 221 -3.73 23.29 19.90
N VAL A 222 -3.78 22.49 18.86
CA VAL A 222 -2.58 22.12 18.06
C VAL A 222 -2.75 22.72 16.67
N LEU A 223 -1.67 23.28 16.12
CA LEU A 223 -1.71 23.86 14.77
C LEU A 223 -1.32 22.78 13.76
N ALA A 224 -2.06 22.73 12.67
CA ALA A 224 -1.76 21.89 11.50
C ALA A 224 -1.17 22.78 10.41
N MET A 225 0.09 22.55 10.08
CA MET A 225 0.78 23.29 8.99
C MET A 225 0.86 22.37 7.78
N PRO A 226 0.35 22.77 6.60
CA PRO A 226 0.40 21.92 5.43
C PRO A 226 1.73 22.03 4.65
N TYR A 227 2.16 20.90 4.10
CA TYR A 227 3.23 20.74 3.10
C TYR A 227 2.62 20.17 1.81
N ASP A 228 2.80 20.85 0.68
CA ASP A 228 2.23 20.40 -0.61
C ASP A 228 3.32 19.67 -1.42
N THR A 229 3.00 18.47 -1.89
CA THR A 229 3.84 17.71 -2.84
C THR A 229 3.10 17.55 -4.16
N PRO A 230 3.79 17.83 -5.30
CA PRO A 230 3.14 17.72 -6.60
C PRO A 230 2.96 16.25 -7.02
N VAL A 231 1.83 15.97 -7.67
CA VAL A 231 1.47 14.65 -8.25
C VAL A 231 1.27 14.81 -9.75
N PRO A 232 2.31 14.56 -10.57
CA PRO A 232 2.18 14.77 -12.00
C PRO A 232 1.41 13.62 -12.62
N GLY A 233 0.44 13.93 -13.48
CA GLY A 233 -0.19 12.93 -14.35
C GLY A 233 0.77 12.49 -15.46
N TYR A 234 0.44 11.40 -16.16
CA TYR A 234 1.25 10.82 -17.26
C TYR A 234 1.08 11.66 -18.55
N ARG A 235 2.07 12.52 -18.81
CA ARG A 235 2.23 13.34 -20.03
C ARG A 235 0.95 14.10 -20.38
N ASN A 236 0.10 14.43 -19.41
CA ASN A 236 -1.11 15.24 -19.70
C ASN A 236 -0.92 16.67 -19.19
N ASN A 237 0.23 16.99 -18.58
CA ASN A 237 0.53 18.34 -18.03
C ASN A 237 -0.37 18.68 -16.82
N VAL A 238 -1.03 17.67 -16.25
CA VAL A 238 -1.81 17.84 -14.99
C VAL A 238 -0.86 17.54 -13.84
N VAL A 239 -0.86 18.40 -12.83
CA VAL A 239 -0.13 18.23 -11.55
C VAL A 239 -1.10 18.50 -10.41
N ASN A 240 -1.51 17.44 -9.72
CA ASN A 240 -2.42 17.47 -8.56
C ASN A 240 -1.55 17.66 -7.32
N THR A 241 -2.19 17.82 -6.17
CA THR A 241 -1.51 18.13 -4.89
C THR A 241 -1.76 17.01 -3.89
N MET A 242 -0.70 16.57 -3.23
CA MET A 242 -0.79 15.79 -1.96
C MET A 242 -0.46 16.77 -0.84
N ARG A 243 -1.43 17.07 0.02
CA ARG A 243 -1.25 17.99 1.18
C ARG A 243 -1.08 17.16 2.46
N LEU A 244 0.08 17.27 3.11
CA LEU A 244 0.38 16.54 4.35
C LEU A 244 0.52 17.56 5.47
N TRP A 245 -0.13 17.29 6.59
CA TRP A 245 -0.21 18.19 7.75
C TRP A 245 0.90 17.81 8.71
N SER A 246 1.48 18.82 9.33
CA SER A 246 2.53 18.71 10.36
C SER A 246 2.01 19.38 11.63
N ALA A 247 2.22 18.78 12.80
CA ALA A 247 1.74 19.33 14.09
C ALA A 247 2.73 20.40 14.56
N LYS A 248 2.23 21.58 14.89
CA LYS A 248 3.02 22.70 15.47
C LYS A 248 2.30 23.18 16.72
N ALA A 249 3.03 23.58 17.75
CA ALA A 249 2.43 24.18 18.95
C ALA A 249 2.18 25.67 18.70
N PRO A 250 1.09 26.23 19.26
CA PRO A 250 0.92 27.69 19.27
C PRO A 250 1.98 28.35 20.18
N ASN A 251 2.31 29.63 19.96
CA ASN A 251 3.49 30.28 20.61
C ASN A 251 3.18 30.69 22.06
N ASP A 252 1.90 30.78 22.44
CA ASP A 252 1.46 31.04 23.83
C ASP A 252 1.32 29.72 24.58
N PHE A 253 1.58 28.59 23.91
CA PHE A 253 1.50 27.18 24.42
C PHE A 253 2.37 27.02 25.66
N ASN A 254 1.74 26.55 26.75
CA ASN A 254 2.30 26.33 28.11
C ASN A 254 2.67 27.69 28.75
N LEU A 255 2.26 28.83 28.16
CA LEU A 255 2.80 30.18 28.49
C LEU A 255 1.67 31.20 28.71
N GLY A 262 9.29 26.45 34.90
CA GLY A 262 9.00 27.81 34.38
C GLY A 262 9.16 27.87 32.86
N TYR A 263 9.80 28.94 32.37
CA TYR A 263 9.87 29.33 30.93
C TYR A 263 10.48 28.21 30.08
N ILE A 264 11.67 27.73 30.45
CA ILE A 264 12.46 26.74 29.64
C ILE A 264 11.60 25.49 29.42
N GLN A 265 11.03 24.97 30.49
CA GLN A 265 10.26 23.71 30.50
C GLN A 265 9.04 23.87 29.61
N ALA A 266 8.39 25.04 29.65
CA ALA A 266 7.21 25.34 28.80
C ALA A 266 7.60 25.21 27.33
N VAL A 267 8.72 25.81 26.96
CA VAL A 267 9.26 25.72 25.58
C VAL A 267 9.55 24.25 25.25
N LEU A 268 10.19 23.51 26.14
CA LEU A 268 10.55 22.09 25.85
C LEU A 268 9.26 21.27 25.72
N ASP A 269 8.21 21.60 26.49
CA ASP A 269 6.93 20.84 26.48
C ASP A 269 6.16 21.04 25.17
N ARG A 270 6.59 21.94 24.29
CA ARG A 270 5.98 22.07 22.93
C ARG A 270 6.00 20.72 22.19
N ASN A 271 7.02 19.90 22.48
CA ASN A 271 7.23 18.54 21.91
C ASN A 271 5.99 17.66 22.12
N LEU A 272 5.27 17.84 23.21
CA LEU A 272 4.11 16.97 23.50
C LEU A 272 3.07 17.14 22.38
N ALA A 273 2.82 18.37 21.91
CA ALA A 273 1.83 18.66 20.86
C ALA A 273 2.34 18.19 19.49
N GLU A 274 3.64 18.34 19.22
CA GLU A 274 4.24 18.10 17.89
C GLU A 274 4.46 16.60 17.70
N ASN A 275 4.41 15.82 18.78
CA ASN A 275 4.51 14.35 18.73
C ASN A 275 3.44 13.77 17.80
N ILE A 276 2.28 14.44 17.67
CA ILE A 276 1.13 13.94 16.86
C ILE A 276 1.63 13.55 15.46
N SER A 277 2.46 14.36 14.83
CA SER A 277 2.94 14.09 13.44
C SER A 277 4.35 13.47 13.45
N ARG A 278 4.85 12.99 14.58
CA ARG A 278 6.26 12.54 14.69
C ARG A 278 6.47 11.21 13.95
N VAL A 279 5.57 10.23 14.14
CA VAL A 279 5.93 8.84 13.70
C VAL A 279 4.72 8.05 13.20
N LEU A 280 4.91 7.36 12.08
CA LEU A 280 3.91 6.42 11.51
C LEU A 280 3.80 5.21 12.45
N TYR A 281 2.59 4.83 12.83
CA TYR A 281 2.33 3.53 13.51
C TYR A 281 2.64 2.43 12.52
N PRO A 282 3.54 1.50 12.89
CA PRO A 282 4.09 0.51 11.96
C PRO A 282 3.38 -0.85 11.93
N ASN A 283 2.08 -0.88 12.20
CA ASN A 283 1.23 -2.09 12.17
C ASN A 283 0.53 -2.18 10.82
N ASP A 284 0.73 -3.31 10.13
CA ASP A 284 0.02 -3.65 8.88
C ASP A 284 -1.18 -4.52 9.28
N ASN A 285 -2.38 -4.08 8.94
CA ASN A 285 -3.58 -4.96 9.06
C ASN A 285 -3.71 -5.42 10.52
N PHE A 286 -3.61 -4.46 11.46
CA PHE A 286 -3.73 -4.66 12.92
C PHE A 286 -4.07 -3.33 13.61
N PHE A 287 -4.96 -3.40 14.59
CA PHE A 287 -5.46 -2.24 15.37
C PHE A 287 -4.76 -2.21 16.73
N GLU A 288 -4.14 -1.08 17.02
CA GLU A 288 -3.58 -0.73 18.35
C GLU A 288 -4.36 0.50 18.83
N GLY A 289 -5.13 0.36 19.91
CA GLY A 289 -5.99 1.44 20.43
C GLY A 289 -5.24 2.42 21.30
N LYS A 290 -4.30 3.18 20.73
CA LYS A 290 -3.48 4.13 21.54
C LYS A 290 -3.98 5.56 21.32
N GLU A 291 -4.01 6.35 22.37
CA GLU A 291 -4.47 7.76 22.33
C GLU A 291 -3.72 8.51 21.21
N LEU A 292 -2.40 8.37 21.14
CA LEU A 292 -1.60 9.13 20.14
C LEU A 292 -2.12 8.82 18.72
N ARG A 293 -2.49 7.57 18.45
CA ARG A 293 -3.04 7.15 17.14
C ARG A 293 -4.38 7.84 16.92
N LEU A 294 -5.21 7.91 17.95
CA LEU A 294 -6.52 8.60 17.84
C LEU A 294 -6.29 10.09 17.54
N LYS A 295 -5.30 10.73 18.16
CA LYS A 295 -4.92 12.14 17.92
C LYS A 295 -4.51 12.32 16.46
N GLN A 296 -3.80 11.36 15.90
CA GLN A 296 -3.33 11.45 14.51
C GLN A 296 -4.56 11.46 13.59
N GLU A 297 -5.52 10.58 13.90
CA GLU A 297 -6.75 10.39 13.11
C GLU A 297 -7.57 11.67 13.14
N TYR A 298 -7.73 12.29 14.31
CA TYR A 298 -8.55 13.53 14.39
C TYR A 298 -7.79 14.68 13.72
N PHE A 299 -6.49 14.80 14.03
CA PHE A 299 -5.61 15.85 13.48
C PHE A 299 -5.80 15.95 11.97
N VAL A 300 -5.75 14.84 11.25
CA VAL A 300 -5.75 14.87 9.76
C VAL A 300 -7.16 15.21 9.27
N VAL A 301 -8.17 14.66 9.93
CA VAL A 301 -9.60 14.87 9.58
C VAL A 301 -9.97 16.33 9.84
N ALA A 302 -9.67 16.87 11.02
CA ALA A 302 -10.06 18.25 11.43
C ALA A 302 -9.43 19.29 10.50
N ALA A 303 -8.12 19.19 10.24
CA ALA A 303 -7.42 20.18 9.38
C ALA A 303 -7.94 20.06 7.95
N THR A 304 -8.09 18.83 7.43
CA THR A 304 -8.55 18.55 6.05
C THR A 304 -9.95 19.16 5.84
N LEU A 305 -10.87 19.00 6.78
CA LEU A 305 -12.28 19.40 6.55
C LEU A 305 -12.40 20.91 6.55
N GLN A 306 -11.58 21.60 7.33
CA GLN A 306 -11.55 23.08 7.38
C GLN A 306 -11.10 23.56 5.99
N ASP A 307 -10.11 22.89 5.43
CA ASP A 307 -9.51 23.20 4.10
C ASP A 307 -10.56 22.95 3.02
N ILE A 308 -11.23 21.80 3.08
CA ILE A 308 -12.27 21.41 2.09
C ILE A 308 -13.32 22.52 2.10
N ILE A 309 -13.73 22.92 3.29
CA ILE A 309 -14.88 23.86 3.44
C ILE A 309 -14.45 25.25 2.98
N ARG A 310 -13.22 25.66 3.31
CA ARG A 310 -12.67 26.98 2.89
C ARG A 310 -12.71 27.08 1.35
N ARG A 311 -12.26 26.03 0.67
CA ARG A 311 -12.14 25.93 -0.80
C ARG A 311 -13.55 25.95 -1.42
N PHE A 312 -14.50 25.20 -0.85
CA PHE A 312 -15.92 25.19 -1.25
C PHE A 312 -16.54 26.59 -1.16
N LYS A 313 -16.29 27.32 -0.09
CA LYS A 313 -16.90 28.65 0.17
C LYS A 313 -16.31 29.71 -0.77
N SER A 314 -15.23 29.41 -1.49
CA SER A 314 -14.53 30.37 -2.40
C SER A 314 -14.85 30.00 -3.85
N SER A 315 -16.13 30.05 -4.23
CA SER A 315 -16.66 29.70 -5.57
C SER A 315 -17.36 30.92 -6.18
N THR A 325 -22.88 29.94 2.42
CA THR A 325 -24.14 29.75 3.20
C THR A 325 -24.88 28.48 2.74
N ASN A 326 -24.84 28.10 1.45
CA ASN A 326 -25.72 27.01 0.96
C ASN A 326 -24.98 25.68 0.73
N PHE A 327 -25.20 24.75 1.65
CA PHE A 327 -24.52 23.44 1.70
C PHE A 327 -25.35 22.39 0.97
N ASP A 328 -26.52 22.75 0.42
CA ASP A 328 -27.30 21.80 -0.43
C ASP A 328 -26.39 21.30 -1.56
N ALA A 329 -25.56 22.17 -2.11
CA ALA A 329 -24.65 21.93 -3.25
C ALA A 329 -23.28 21.37 -2.80
N PHE A 330 -23.05 21.20 -1.50
CA PHE A 330 -21.76 20.66 -1.00
C PHE A 330 -21.44 19.34 -1.71
N PRO A 331 -22.35 18.34 -1.74
CA PRO A 331 -22.04 17.03 -2.32
C PRO A 331 -21.87 17.06 -3.85
N ASP A 332 -22.36 18.09 -4.52
CA ASP A 332 -22.13 18.34 -5.96
C ASP A 332 -20.71 18.83 -6.23
N LYS A 333 -20.05 19.41 -5.22
CA LYS A 333 -18.73 20.09 -5.33
C LYS A 333 -17.64 19.30 -4.60
N VAL A 334 -18.02 18.36 -3.73
CA VAL A 334 -17.10 17.65 -2.80
C VAL A 334 -17.46 16.16 -2.78
N ALA A 335 -16.45 15.31 -3.00
CA ALA A 335 -16.43 13.89 -2.61
C ALA A 335 -15.28 13.70 -1.62
N ILE A 336 -15.56 13.01 -0.51
CA ILE A 336 -14.55 12.58 0.50
C ILE A 336 -14.51 11.06 0.48
N GLN A 337 -13.41 10.49 0.02
CA GLN A 337 -13.14 9.03 0.10
C GLN A 337 -12.39 8.73 1.40
N LEU A 338 -12.92 7.80 2.22
CA LEU A 338 -12.26 7.36 3.46
C LEU A 338 -11.49 6.07 3.17
N ASN A 339 -10.16 6.14 3.31
CA ASN A 339 -9.24 4.99 3.12
C ASN A 339 -9.23 4.17 4.42
N ASP A 340 -10.10 3.16 4.49
CA ASP A 340 -10.42 2.40 5.72
C ASP A 340 -11.10 3.35 6.72
N THR A 341 -11.20 2.91 7.97
CA THR A 341 -11.90 3.62 9.07
C THR A 341 -10.95 4.66 9.67
N HIS A 342 -9.69 4.69 9.27
CA HIS A 342 -8.64 5.52 9.93
C HIS A 342 -9.09 6.98 9.98
N PRO A 343 -9.69 7.55 8.91
CA PRO A 343 -10.29 8.88 8.95
C PRO A 343 -11.82 8.92 9.10
N SER A 344 -12.40 7.90 9.74
CA SER A 344 -13.87 7.77 9.99
C SER A 344 -14.42 9.00 10.75
N LEU A 345 -13.59 9.73 11.49
CA LEU A 345 -14.07 10.87 12.32
C LEU A 345 -14.45 12.04 11.42
N ALA A 346 -14.08 12.01 10.13
CA ALA A 346 -14.57 12.95 9.10
C ALA A 346 -16.10 13.03 9.13
N ILE A 347 -16.78 11.94 9.49
CA ILE A 347 -18.28 11.88 9.49
C ILE A 347 -18.83 12.71 10.64
N PRO A 348 -18.54 12.39 11.93
CA PRO A 348 -18.98 13.24 13.04
C PRO A 348 -18.39 14.66 12.97
N GLU A 349 -17.18 14.84 12.40
CA GLU A 349 -16.55 16.18 12.29
C GLU A 349 -17.36 17.03 11.32
N LEU A 350 -17.71 16.49 10.17
CA LEU A 350 -18.49 17.23 9.15
C LEU A 350 -19.82 17.63 9.80
N MET A 351 -20.46 16.72 10.54
CA MET A 351 -21.74 17.02 11.24
C MET A 351 -21.52 18.16 12.23
N ARG A 352 -20.45 18.09 13.00
CA ARG A 352 -20.12 19.11 14.04
C ARG A 352 -19.99 20.49 13.40
N VAL A 353 -19.24 20.58 12.31
CA VAL A 353 -19.06 21.86 11.59
C VAL A 353 -20.42 22.32 11.07
N LEU A 354 -21.17 21.46 10.38
CA LEU A 354 -22.48 21.83 9.75
C LEU A 354 -23.50 22.18 10.83
N VAL A 355 -23.56 21.44 11.93
CA VAL A 355 -24.59 21.67 12.99
C VAL A 355 -24.12 22.78 13.94
N ASP A 356 -23.00 22.59 14.64
CA ASP A 356 -22.57 23.51 15.73
C ASP A 356 -22.12 24.86 15.17
N LEU A 357 -21.41 24.90 14.05
CA LEU A 357 -20.77 26.15 13.54
C LEU A 357 -21.61 26.79 12.42
N GLU A 358 -22.12 26.01 11.45
CA GLU A 358 -22.91 26.54 10.30
C GLU A 358 -24.41 26.58 10.62
N ARG A 359 -24.86 25.90 11.68
CA ARG A 359 -26.24 26.03 12.24
C ARG A 359 -27.27 25.43 11.28
N LEU A 360 -26.87 24.45 10.47
CA LEU A 360 -27.83 23.59 9.74
C LEU A 360 -28.57 22.72 10.77
N ASP A 361 -29.80 22.36 10.45
CA ASP A 361 -30.56 21.36 11.24
C ASP A 361 -29.88 20.00 11.01
N TRP A 362 -30.04 19.11 11.97
CA TRP A 362 -29.47 17.75 11.97
C TRP A 362 -29.74 17.05 10.63
N ASP A 363 -31.02 16.93 10.24
CA ASP A 363 -31.46 16.08 9.10
C ASP A 363 -30.78 16.54 7.80
N LYS A 364 -30.75 17.85 7.56
CA LYS A 364 -30.12 18.48 6.37
C LYS A 364 -28.61 18.20 6.38
N ALA A 365 -27.97 18.37 7.55
CA ALA A 365 -26.52 18.18 7.72
C ALA A 365 -26.16 16.72 7.45
N TRP A 366 -26.98 15.80 7.93
CA TRP A 366 -26.80 14.34 7.74
C TRP A 366 -26.93 13.98 6.25
N GLU A 367 -27.86 14.59 5.54
CA GLU A 367 -28.08 14.32 4.10
C GLU A 367 -26.78 14.70 3.37
N VAL A 368 -26.26 15.88 3.66
CA VAL A 368 -25.02 16.43 3.04
C VAL A 368 -23.87 15.45 3.35
N THR A 369 -23.73 15.04 4.60
CA THR A 369 -22.64 14.16 5.07
C THR A 369 -22.66 12.84 4.27
N VAL A 370 -23.81 12.18 4.17
CA VAL A 370 -23.93 10.83 3.54
C VAL A 370 -23.63 10.92 2.05
N LYS A 371 -24.16 11.95 1.36
CA LYS A 371 -23.92 12.15 -0.09
C LYS A 371 -22.47 12.57 -0.35
N THR A 372 -21.77 13.09 0.64
CA THR A 372 -20.35 13.52 0.51
C THR A 372 -19.40 12.34 0.75
N CYS A 373 -19.66 11.53 1.76
CA CYS A 373 -18.69 10.50 2.25
C CYS A 373 -18.95 9.15 1.57
N ALA A 374 -17.86 8.45 1.31
CA ALA A 374 -17.79 7.04 0.86
C ALA A 374 -16.63 6.32 1.59
N TYR A 375 -16.84 5.04 1.90
CA TYR A 375 -15.96 4.24 2.78
C TYR A 375 -15.46 3.02 2.00
N THR A 376 -14.12 2.88 1.92
CA THR A 376 -13.44 1.68 1.39
C THR A 376 -13.00 0.80 2.57
N ASN A 377 -13.54 -0.40 2.65
CA ASN A 377 -13.11 -1.43 3.62
C ASN A 377 -11.96 -2.21 3.02
N HIS A 378 -10.93 -2.50 3.81
CA HIS A 378 -9.70 -3.20 3.32
C HIS A 378 -9.48 -4.54 4.03
N THR A 379 -10.27 -4.92 5.03
CA THR A 379 -10.00 -6.19 5.75
C THR A 379 -11.25 -6.72 6.44
N VAL A 380 -11.23 -8.02 6.66
CA VAL A 380 -12.24 -8.77 7.46
C VAL A 380 -11.57 -9.34 8.70
N LEU A 381 -10.26 -9.16 8.87
CA LEU A 381 -9.53 -9.70 10.07
C LEU A 381 -10.02 -8.91 11.28
N PRO A 382 -10.62 -9.58 12.29
CA PRO A 382 -11.20 -8.90 13.46
C PRO A 382 -10.20 -8.04 14.24
N GLU A 383 -8.93 -8.44 14.27
CA GLU A 383 -7.86 -7.77 15.04
C GLU A 383 -7.42 -6.46 14.36
N ALA A 384 -7.83 -6.25 13.10
CA ALA A 384 -7.57 -5.01 12.33
C ALA A 384 -8.72 -4.01 12.43
N LEU A 385 -9.93 -4.42 12.84
CA LEU A 385 -11.09 -3.51 12.84
C LEU A 385 -10.95 -2.53 14.01
N GLU A 386 -11.10 -1.24 13.73
CA GLU A 386 -10.98 -0.15 14.73
C GLU A 386 -12.23 -0.13 15.61
N ARG A 387 -12.03 -0.36 16.91
CA ARG A 387 -13.09 -0.29 17.93
C ARG A 387 -12.54 0.58 19.07
N TRP A 388 -12.78 1.88 19.06
CA TRP A 388 -12.21 2.84 20.02
C TRP A 388 -13.00 2.79 21.32
N PRO A 389 -12.34 2.56 22.48
CA PRO A 389 -12.99 2.69 23.77
C PRO A 389 -13.64 4.08 23.95
N VAL A 390 -14.82 4.08 24.55
CA VAL A 390 -15.67 5.29 24.77
C VAL A 390 -14.95 6.27 25.69
N HIS A 391 -14.27 5.80 26.76
CA HIS A 391 -13.55 6.67 27.74
C HIS A 391 -12.49 7.50 27.02
N LEU A 392 -11.83 6.92 26.01
CA LEU A 392 -10.87 7.66 25.16
C LEU A 392 -11.58 8.80 24.42
N LEU A 393 -12.63 8.50 23.66
CA LEU A 393 -13.39 9.52 22.89
C LEU A 393 -14.01 10.53 23.86
N GLU A 394 -14.42 10.06 25.04
CA GLU A 394 -15.10 10.92 26.02
C GLU A 394 -14.15 12.04 26.44
N THR A 395 -12.89 11.71 26.70
CA THR A 395 -11.85 12.65 27.19
C THR A 395 -11.36 13.55 26.06
N LEU A 396 -11.07 12.96 24.90
CA LEU A 396 -10.31 13.63 23.82
C LEU A 396 -11.26 14.45 22.93
N LEU A 397 -12.42 13.88 22.59
CA LEU A 397 -13.39 14.44 21.61
C LEU A 397 -14.80 14.34 22.15
N PRO A 398 -15.09 15.01 23.29
CA PRO A 398 -16.38 14.86 23.98
C PRO A 398 -17.59 15.14 23.08
N ARG A 399 -17.48 16.15 22.20
CA ARG A 399 -18.59 16.54 21.29
C ARG A 399 -18.81 15.47 20.20
N HIS A 400 -17.74 14.94 19.63
CA HIS A 400 -17.80 13.90 18.58
C HIS A 400 -18.52 12.68 19.14
N LEU A 401 -18.30 12.37 20.43
CA LEU A 401 -18.95 11.20 21.07
C LEU A 401 -20.47 11.46 21.17
N GLN A 402 -20.88 12.70 21.49
CA GLN A 402 -22.33 13.07 21.61
C GLN A 402 -23.00 12.87 20.25
N ILE A 403 -22.30 13.31 19.22
CA ILE A 403 -22.78 13.22 17.82
C ILE A 403 -22.81 11.74 17.41
N ILE A 404 -21.82 10.94 17.81
CA ILE A 404 -21.79 9.49 17.44
C ILE A 404 -23.02 8.82 18.07
N TYR A 405 -23.32 9.13 19.34
CA TYR A 405 -24.49 8.59 20.10
C TYR A 405 -25.80 8.94 19.38
N GLU A 406 -25.93 10.19 18.93
CA GLU A 406 -27.10 10.72 18.17
C GLU A 406 -27.22 9.99 16.82
N ILE A 407 -26.10 9.74 16.14
CA ILE A 407 -26.11 9.02 14.83
C ILE A 407 -26.66 7.62 15.07
N ASN A 408 -26.12 6.97 16.11
CA ASN A 408 -26.47 5.58 16.53
C ASN A 408 -27.97 5.51 16.78
N GLN A 409 -28.52 6.41 17.60
CA GLN A 409 -29.95 6.39 17.97
C GLN A 409 -30.82 6.47 16.71
N ARG A 410 -30.57 7.46 15.84
CA ARG A 410 -31.37 7.65 14.61
C ARG A 410 -31.17 6.46 13.68
N PHE A 411 -29.96 5.92 13.62
CA PHE A 411 -29.67 4.77 12.75
C PHE A 411 -30.46 3.53 13.22
N LEU A 412 -30.40 3.21 14.51
CA LEU A 412 -31.10 2.07 15.15
C LEU A 412 -32.61 2.25 15.06
N ASN A 413 -33.12 3.49 15.07
CA ASN A 413 -34.56 3.74 14.90
C ASN A 413 -34.97 3.34 13.49
N ARG A 414 -34.10 3.44 12.48
CA ARG A 414 -34.44 3.00 11.10
C ARG A 414 -34.44 1.48 11.02
N VAL A 415 -33.48 0.83 11.68
CA VAL A 415 -33.37 -0.66 11.74
C VAL A 415 -34.64 -1.22 12.39
N ALA A 416 -35.00 -0.69 13.56
CA ALA A 416 -36.21 -1.10 14.30
C ALA A 416 -37.44 -1.02 13.39
N ALA A 417 -37.57 0.04 12.60
CA ALA A 417 -38.76 0.28 11.74
C ALA A 417 -38.77 -0.71 10.57
N ALA A 418 -37.60 -1.04 10.01
CA ALA A 418 -37.44 -1.99 8.90
C ALA A 418 -37.52 -3.45 9.37
N PHE A 419 -37.02 -3.77 10.57
CA PHE A 419 -36.97 -5.16 11.11
C PHE A 419 -37.60 -5.18 12.50
N PRO A 420 -38.91 -4.92 12.62
CA PRO A 420 -39.55 -4.83 13.94
C PRO A 420 -39.42 -6.15 14.72
N GLY A 421 -38.90 -6.06 15.95
CA GLY A 421 -38.80 -7.17 16.92
C GLY A 421 -37.43 -7.82 16.88
N ASP A 422 -36.62 -7.47 15.90
CA ASP A 422 -35.29 -8.11 15.72
C ASP A 422 -34.30 -7.38 16.64
N VAL A 423 -34.42 -7.62 17.96
CA VAL A 423 -33.61 -6.95 19.01
C VAL A 423 -32.14 -7.37 18.83
N ASP A 424 -31.93 -8.62 18.45
CA ASP A 424 -30.59 -9.17 18.19
C ASP A 424 -29.91 -8.31 17.11
N ARG A 425 -30.66 -7.96 16.07
CA ARG A 425 -30.10 -7.18 14.94
C ARG A 425 -29.66 -5.81 15.48
N LEU A 426 -30.49 -5.18 16.31
CA LEU A 426 -30.20 -3.86 16.93
C LEU A 426 -28.87 -3.92 17.66
N ARG A 427 -28.65 -4.98 18.44
CA ARG A 427 -27.39 -5.16 19.21
C ARG A 427 -26.20 -5.27 18.24
N ARG A 428 -26.32 -6.09 17.19
CA ARG A 428 -25.23 -6.38 16.23
C ARG A 428 -24.88 -5.16 15.40
N MET A 429 -25.85 -4.31 15.10
CA MET A 429 -25.67 -3.20 14.12
C MET A 429 -25.28 -1.92 14.86
N SER A 430 -25.47 -1.89 16.18
CA SER A 430 -25.16 -0.72 17.03
C SER A 430 -23.75 -0.24 16.70
N LEU A 431 -23.55 1.08 16.65
CA LEU A 431 -22.20 1.70 16.57
C LEU A 431 -21.50 1.54 17.94
N VAL A 432 -22.27 1.41 19.02
CA VAL A 432 -21.73 1.19 20.39
C VAL A 432 -21.76 -0.30 20.70
N GLU A 433 -20.60 -0.90 20.96
CA GLU A 433 -20.48 -2.29 21.47
C GLU A 433 -20.48 -2.28 23.01
N GLU A 434 -21.36 -3.07 23.61
CA GLU A 434 -21.43 -3.35 25.08
C GLU A 434 -20.36 -4.42 25.42
N GLY A 435 -20.02 -4.54 26.70
CA GLY A 435 -18.83 -5.27 27.20
C GLY A 435 -18.27 -4.61 28.44
N ALA A 436 -17.22 -5.18 29.02
CA ALA A 436 -16.55 -4.59 30.22
C ALA A 436 -16.24 -3.12 29.90
N VAL A 437 -15.54 -2.89 28.78
CA VAL A 437 -15.33 -1.55 28.16
C VAL A 437 -16.25 -1.42 26.93
N LYS A 438 -17.04 -0.35 26.90
CA LYS A 438 -17.83 0.06 25.71
C LYS A 438 -16.83 0.57 24.65
N ARG A 439 -17.11 0.29 23.38
CA ARG A 439 -16.28 0.68 22.21
C ARG A 439 -17.18 1.25 21.13
N ILE A 440 -16.68 2.18 20.32
CA ILE A 440 -17.34 2.60 19.07
C ILE A 440 -16.79 1.72 17.96
N ASN A 441 -17.66 1.08 17.18
CA ASN A 441 -17.31 0.32 15.96
C ASN A 441 -17.23 1.30 14.78
N MET A 442 -16.01 1.73 14.44
CA MET A 442 -15.80 2.83 13.46
C MET A 442 -16.29 2.41 12.06
N ALA A 443 -16.23 1.12 11.74
CA ALA A 443 -16.75 0.51 10.49
C ALA A 443 -18.26 0.73 10.40
N HIS A 444 -18.98 0.45 11.49
CA HIS A 444 -20.44 0.69 11.56
C HIS A 444 -20.70 2.18 11.33
N LEU A 445 -19.94 3.07 11.95
CA LEU A 445 -20.07 4.54 11.78
C LEU A 445 -19.92 4.90 10.30
N CYS A 446 -18.90 4.32 9.64
CA CYS A 446 -18.58 4.59 8.21
C CYS A 446 -19.73 4.15 7.30
N ILE A 447 -20.35 3.00 7.57
CA ILE A 447 -21.44 2.48 6.72
C ILE A 447 -22.65 3.40 6.88
N ALA A 448 -23.02 3.74 8.12
CA ALA A 448 -24.18 4.61 8.43
C ALA A 448 -24.01 5.96 7.73
N GLY A 449 -22.78 6.51 7.74
CA GLY A 449 -22.53 7.90 7.34
C GLY A 449 -22.07 8.07 5.90
N SER A 450 -22.02 6.99 5.11
CA SER A 450 -21.52 6.98 3.71
C SER A 450 -22.64 6.57 2.73
N HIS A 451 -22.63 7.13 1.52
CA HIS A 451 -23.56 6.72 0.43
C HIS A 451 -23.01 5.48 -0.29
N ALA A 452 -21.75 5.13 -0.08
CA ALA A 452 -21.13 3.97 -0.78
C ALA A 452 -20.12 3.33 0.14
N VAL A 453 -20.18 2.01 0.23
CA VAL A 453 -19.19 1.15 0.92
C VAL A 453 -18.67 0.17 -0.11
N ASN A 454 -17.36 0.10 -0.28
CA ASN A 454 -16.75 -0.80 -1.28
C ASN A 454 -15.70 -1.67 -0.60
N GLY A 455 -15.62 -2.92 -1.02
CA GLY A 455 -14.43 -3.76 -0.86
C GLY A 455 -13.52 -3.60 -2.06
N VAL A 456 -12.43 -4.35 -2.07
CA VAL A 456 -11.23 -4.03 -2.88
C VAL A 456 -10.84 -5.22 -3.77
N ALA A 457 -11.69 -6.25 -3.81
CA ALA A 457 -11.66 -7.36 -4.79
C ALA A 457 -13.01 -8.07 -4.74
N ARG A 458 -13.42 -8.71 -5.83
CA ARG A 458 -14.80 -9.23 -5.97
C ARG A 458 -15.12 -10.19 -4.82
N ILE A 459 -14.22 -11.13 -4.51
CA ILE A 459 -14.45 -12.17 -3.46
C ILE A 459 -14.58 -11.47 -2.10
N HIS A 460 -13.72 -10.48 -1.81
CA HIS A 460 -13.74 -9.67 -0.55
C HIS A 460 -15.09 -8.93 -0.42
N SER A 461 -15.50 -8.20 -1.45
CA SER A 461 -16.81 -7.49 -1.51
C SER A 461 -17.98 -8.46 -1.28
N GLU A 462 -17.93 -9.66 -1.83
CA GLU A 462 -18.96 -10.72 -1.64
C GLU A 462 -18.95 -11.15 -0.17
N ILE A 463 -17.78 -11.26 0.43
CA ILE A 463 -17.63 -11.73 1.84
C ILE A 463 -18.20 -10.67 2.81
N LEU A 464 -18.03 -9.38 2.49
CA LEU A 464 -18.61 -8.26 3.28
C LEU A 464 -20.14 -8.38 3.33
N LYS A 465 -20.76 -8.80 2.22
CA LYS A 465 -22.24 -8.87 2.12
C LYS A 465 -22.79 -10.16 2.74
N LYS A 466 -21.98 -11.22 2.81
CA LYS A 466 -22.38 -12.54 3.34
C LYS A 466 -22.09 -12.62 4.85
N THR A 467 -21.15 -11.84 5.40
CA THR A 467 -20.61 -12.05 6.77
C THR A 467 -20.58 -10.71 7.55
N ILE A 468 -19.44 -10.01 7.68
CA ILE A 468 -19.31 -8.94 8.72
C ILE A 468 -20.35 -7.83 8.52
N PHE A 469 -20.83 -7.56 7.30
CA PHE A 469 -21.77 -6.45 7.03
C PHE A 469 -23.08 -6.96 6.44
N LYS A 470 -23.41 -8.25 6.60
CA LYS A 470 -24.69 -8.84 6.12
C LYS A 470 -25.91 -8.00 6.54
N ASP A 471 -26.01 -7.65 7.83
CA ASP A 471 -27.11 -6.85 8.42
C ASP A 471 -27.25 -5.50 7.69
N PHE A 472 -26.13 -4.83 7.39
CA PHE A 472 -26.07 -3.47 6.80
C PHE A 472 -26.48 -3.58 5.33
N TYR A 473 -26.00 -4.63 4.68
CA TYR A 473 -26.38 -4.99 3.29
C TYR A 473 -27.91 -5.17 3.20
N GLU A 474 -28.53 -5.89 4.12
CA GLU A 474 -30.00 -6.16 4.08
C GLU A 474 -30.78 -4.88 4.28
N LEU A 475 -30.26 -3.91 5.04
CA LEU A 475 -30.92 -2.59 5.24
C LEU A 475 -30.73 -1.71 4.01
N GLU A 476 -29.50 -1.60 3.49
CA GLU A 476 -29.17 -0.63 2.41
C GLU A 476 -28.34 -1.32 1.34
N PRO A 477 -28.94 -2.27 0.58
CA PRO A 477 -28.21 -3.05 -0.43
C PRO A 477 -27.45 -2.17 -1.43
N HIS A 478 -28.08 -1.05 -1.79
CA HIS A 478 -27.63 -0.02 -2.78
C HIS A 478 -26.26 0.57 -2.41
N LYS A 479 -25.89 0.66 -1.12
CA LYS A 479 -24.60 1.24 -0.67
C LYS A 479 -23.40 0.38 -1.08
N PHE A 480 -23.57 -0.93 -1.23
CA PHE A 480 -22.42 -1.88 -1.27
C PHE A 480 -21.94 -2.08 -2.71
N GLN A 481 -20.68 -1.75 -2.98
CA GLN A 481 -20.06 -1.90 -4.33
C GLN A 481 -18.77 -2.72 -4.22
N ASN A 482 -18.22 -3.13 -5.36
CA ASN A 482 -16.84 -3.63 -5.46
C ASN A 482 -16.05 -2.61 -6.29
N LYS A 483 -14.81 -2.33 -5.87
CA LYS A 483 -13.79 -1.66 -6.71
C LYS A 483 -12.50 -2.45 -6.54
N THR A 484 -12.28 -3.41 -7.42
CA THR A 484 -11.06 -4.24 -7.41
C THR A 484 -9.85 -3.30 -7.50
N ASN A 485 -8.86 -3.55 -6.66
CA ASN A 485 -7.59 -2.79 -6.60
C ASN A 485 -6.85 -2.87 -7.95
N GLY A 486 -5.88 -1.98 -8.11
CA GLY A 486 -5.00 -1.89 -9.25
C GLY A 486 -3.68 -1.30 -8.80
N ILE A 487 -2.71 -1.27 -9.71
CA ILE A 487 -1.33 -0.73 -9.54
C ILE A 487 -1.11 0.22 -10.72
N THR A 488 -0.33 1.29 -10.55
CA THR A 488 -0.03 2.25 -11.64
C THR A 488 1.02 1.62 -12.55
N PRO A 489 0.74 1.46 -13.85
CA PRO A 489 1.71 0.86 -14.75
C PRO A 489 2.87 1.81 -15.06
N ARG A 490 2.80 3.06 -14.57
CA ARG A 490 3.93 3.99 -14.74
C ARG A 490 5.06 3.52 -13.83
N ARG A 491 4.89 3.59 -12.52
CA ARG A 491 5.91 3.10 -11.56
C ARG A 491 6.17 1.62 -11.85
N TRP A 492 5.13 0.81 -12.00
CA TRP A 492 5.23 -0.67 -11.84
C TRP A 492 5.50 -1.35 -13.18
N LEU A 493 5.83 -0.61 -14.23
CA LEU A 493 6.30 -1.22 -15.51
C LEU A 493 7.32 -0.31 -16.15
N VAL A 494 6.91 0.87 -16.61
CA VAL A 494 7.80 1.80 -17.38
C VAL A 494 9.03 2.11 -16.52
N LEU A 495 8.78 2.54 -15.29
CA LEU A 495 9.84 3.02 -14.37
C LEU A 495 10.74 1.84 -13.95
N CYS A 496 10.17 0.74 -13.46
CA CYS A 496 10.95 -0.34 -12.80
C CYS A 496 11.44 -1.35 -13.84
N ASN A 497 10.88 -1.37 -15.05
CA ASN A 497 11.16 -2.44 -16.02
C ASN A 497 11.15 -1.87 -17.43
N PRO A 498 12.05 -0.91 -17.70
CA PRO A 498 12.09 -0.22 -18.99
C PRO A 498 12.30 -1.17 -20.17
N GLY A 499 13.12 -2.21 -19.98
CA GLY A 499 13.39 -3.21 -21.02
C GLY A 499 12.11 -3.90 -21.50
N LEU A 500 11.23 -4.26 -20.57
CA LEU A 500 9.98 -4.97 -20.90
C LEU A 500 9.05 -3.97 -21.59
N ALA A 501 8.91 -2.77 -21.02
CA ALA A 501 8.07 -1.69 -21.58
C ALA A 501 8.46 -1.44 -23.04
N GLU A 502 9.75 -1.53 -23.34
CA GLU A 502 10.31 -1.17 -24.67
C GLU A 502 9.95 -2.26 -25.68
N ILE A 503 10.14 -3.53 -25.34
CA ILE A 503 9.88 -4.65 -26.29
C ILE A 503 8.37 -4.70 -26.54
N ILE A 504 7.57 -4.35 -25.54
CA ILE A 504 6.10 -4.25 -25.74
C ILE A 504 5.82 -3.07 -26.69
N ALA A 505 6.38 -1.90 -26.40
CA ALA A 505 6.22 -0.68 -27.23
C ALA A 505 6.71 -0.95 -28.66
N GLU A 506 7.69 -1.83 -28.89
CA GLU A 506 8.17 -2.12 -30.27
C GLU A 506 7.04 -2.73 -31.10
N ARG A 507 6.22 -3.58 -30.48
CA ARG A 507 5.18 -4.36 -31.18
C ARG A 507 3.88 -3.55 -31.27
N ILE A 508 3.45 -2.92 -30.18
CA ILE A 508 2.06 -2.35 -30.10
C ILE A 508 2.07 -0.84 -29.79
N GLY A 509 3.22 -0.18 -29.72
CA GLY A 509 3.27 1.27 -29.43
C GLY A 509 3.14 1.57 -27.94
N GLU A 510 3.03 2.86 -27.61
CA GLU A 510 3.15 3.42 -26.24
C GLU A 510 1.79 3.67 -25.58
N GLU A 511 0.68 3.65 -26.33
CA GLU A 511 -0.67 4.01 -25.84
C GLU A 511 -1.03 3.22 -24.56
N TYR A 512 -0.51 2.00 -24.44
CA TYR A 512 -0.93 1.01 -23.41
C TYR A 512 -0.59 1.55 -22.03
N ILE A 513 0.40 2.42 -21.94
CA ILE A 513 0.92 2.91 -20.63
C ILE A 513 -0.20 3.68 -19.93
N SER A 514 -1.10 4.32 -20.68
CA SER A 514 -2.27 5.03 -20.08
C SER A 514 -3.58 4.31 -20.47
N ASP A 515 -3.44 3.12 -21.05
CA ASP A 515 -4.60 2.29 -21.41
C ASP A 515 -4.15 0.83 -21.38
N LEU A 516 -3.97 0.26 -20.19
CA LEU A 516 -3.23 -1.02 -20.03
C LEU A 516 -3.97 -2.19 -20.68
N ASP A 517 -5.28 -2.05 -20.96
CA ASP A 517 -6.11 -3.10 -21.64
C ASP A 517 -5.50 -3.42 -23.00
N GLN A 518 -4.84 -2.46 -23.63
CA GLN A 518 -4.15 -2.65 -24.92
C GLN A 518 -3.13 -3.80 -24.84
N LEU A 519 -2.69 -4.23 -23.66
CA LEU A 519 -1.75 -5.37 -23.51
C LEU A 519 -2.35 -6.66 -24.10
N ARG A 520 -3.69 -6.80 -24.22
CA ARG A 520 -4.33 -7.98 -24.87
C ARG A 520 -3.79 -8.16 -26.28
N LYS A 521 -3.43 -7.08 -26.97
CA LYS A 521 -2.88 -7.17 -28.36
C LYS A 521 -1.66 -8.10 -28.36
N LEU A 522 -1.03 -8.36 -27.20
CA LEU A 522 0.17 -9.23 -27.09
C LEU A 522 -0.18 -10.72 -27.23
N LEU A 523 -1.45 -11.10 -27.08
CA LEU A 523 -1.88 -12.51 -27.24
C LEU A 523 -1.59 -12.98 -28.67
N SER A 524 -1.49 -12.07 -29.63
CA SER A 524 -1.23 -12.47 -31.04
C SER A 524 0.28 -12.63 -31.26
N TYR A 525 1.11 -12.44 -30.23
CA TYR A 525 2.58 -12.65 -30.31
C TYR A 525 3.01 -13.87 -29.49
N VAL A 526 2.06 -14.67 -29.01
CA VAL A 526 2.31 -15.80 -28.07
C VAL A 526 3.05 -16.94 -28.80
N ASP A 527 2.97 -16.98 -30.13
CA ASP A 527 3.69 -17.97 -30.98
C ASP A 527 4.77 -17.30 -31.83
N ASP A 528 5.11 -16.03 -31.58
CA ASP A 528 6.19 -15.30 -32.30
C ASP A 528 7.53 -15.62 -31.62
N GLU A 529 8.48 -16.15 -32.37
CA GLU A 529 9.77 -16.64 -31.83
C GLU A 529 10.55 -15.44 -31.28
N ALA A 530 10.52 -14.30 -31.99
CA ALA A 530 11.35 -13.12 -31.69
C ALA A 530 10.89 -12.56 -30.37
N PHE A 531 9.57 -12.47 -30.19
CA PHE A 531 8.96 -11.89 -28.96
C PHE A 531 9.24 -12.82 -27.77
N ILE A 532 9.04 -14.13 -27.94
CA ILE A 532 9.40 -15.15 -26.91
C ILE A 532 10.87 -14.94 -26.50
N ARG A 533 11.75 -14.73 -27.45
CA ARG A 533 13.20 -14.54 -27.19
C ARG A 533 13.38 -13.25 -26.37
N ASP A 534 12.67 -12.19 -26.74
CA ASP A 534 12.84 -10.83 -26.15
C ASP A 534 12.28 -10.82 -24.74
N VAL A 535 11.10 -11.40 -24.53
CA VAL A 535 10.49 -11.52 -23.17
C VAL A 535 11.49 -12.26 -22.26
N ALA A 536 12.06 -13.38 -22.72
CA ALA A 536 12.98 -14.21 -21.91
C ALA A 536 14.32 -13.49 -21.68
N LYS A 537 14.83 -12.75 -22.66
CA LYS A 537 16.09 -11.95 -22.56
C LYS A 537 15.94 -10.84 -21.50
N VAL A 538 14.83 -10.11 -21.49
CA VAL A 538 14.61 -9.01 -20.51
C VAL A 538 14.63 -9.62 -19.09
N LYS A 539 13.93 -10.74 -18.89
CA LYS A 539 13.84 -11.41 -17.58
C LYS A 539 15.26 -11.79 -17.16
N GLN A 540 16.07 -12.30 -18.07
CA GLN A 540 17.44 -12.76 -17.72
C GLN A 540 18.27 -11.53 -17.38
N GLU A 541 18.08 -10.43 -18.11
CA GLU A 541 18.84 -9.18 -17.86
C GLU A 541 18.47 -8.65 -16.46
N ASN A 542 17.18 -8.66 -16.13
CA ASN A 542 16.67 -8.19 -14.81
C ASN A 542 17.26 -9.07 -13.70
N LYS A 543 17.43 -10.37 -13.95
CA LYS A 543 17.94 -11.32 -12.93
C LYS A 543 19.44 -11.08 -12.73
N LEU A 544 20.19 -10.93 -13.82
CA LEU A 544 21.63 -10.56 -13.76
C LEU A 544 21.78 -9.27 -12.97
N LYS A 545 20.94 -8.27 -13.25
CA LYS A 545 21.06 -6.92 -12.63
C LYS A 545 20.73 -7.05 -11.13
N PHE A 546 19.77 -7.89 -10.75
CA PHE A 546 19.34 -8.04 -9.34
C PHE A 546 20.40 -8.83 -8.57
N ALA A 547 20.94 -9.89 -9.18
CA ALA A 547 21.96 -10.79 -8.59
C ALA A 547 23.22 -10.00 -8.25
N ALA A 548 23.58 -9.02 -9.10
CA ALA A 548 24.77 -8.16 -8.95
C ALA A 548 24.49 -7.15 -7.84
N TYR A 549 23.27 -6.60 -7.78
CA TYR A 549 22.83 -5.68 -6.70
C TYR A 549 22.97 -6.41 -5.36
N LEU A 550 22.66 -7.71 -5.31
CA LEU A 550 22.76 -8.49 -4.05
C LEU A 550 24.22 -8.56 -3.63
N GLU A 551 25.13 -8.95 -4.54
CA GLU A 551 26.60 -9.07 -4.26
C GLU A 551 27.12 -7.72 -3.73
N ARG A 552 26.91 -6.63 -4.47
CA ARG A 552 27.43 -5.27 -4.17
C ARG A 552 26.99 -4.81 -2.76
N GLU A 553 25.68 -4.80 -2.46
CA GLU A 553 25.10 -4.15 -1.25
C GLU A 553 24.99 -5.14 -0.07
N TYR A 554 25.07 -6.46 -0.27
CA TYR A 554 24.88 -7.49 0.78
C TYR A 554 25.68 -8.79 0.52
N LYS A 555 26.88 -8.70 -0.05
CA LYS A 555 27.89 -9.80 -0.16
C LYS A 555 27.28 -11.20 -0.11
N VAL A 556 26.39 -11.54 -1.05
CA VAL A 556 25.76 -12.89 -1.19
C VAL A 556 25.79 -13.29 -2.68
N HIS A 557 26.11 -14.56 -2.98
CA HIS A 557 26.43 -15.07 -4.34
C HIS A 557 25.34 -16.01 -4.87
N ILE A 558 24.33 -15.48 -5.57
CA ILE A 558 23.18 -16.26 -6.12
C ILE A 558 23.43 -16.66 -7.59
N ASN A 559 22.99 -17.86 -7.94
CA ASN A 559 23.00 -18.44 -9.30
C ASN A 559 21.90 -17.78 -10.14
N PRO A 560 22.21 -17.00 -11.20
CA PRO A 560 21.18 -16.26 -11.92
C PRO A 560 20.44 -17.16 -12.93
N ASN A 561 20.89 -18.40 -13.10
CA ASN A 561 20.23 -19.40 -13.98
C ASN A 561 19.12 -20.11 -13.22
N SER A 562 19.06 -19.96 -11.89
CA SER A 562 18.05 -20.60 -11.01
C SER A 562 16.71 -19.88 -11.18
N LEU A 563 15.63 -20.59 -10.85
CA LEU A 563 14.26 -20.03 -10.74
C LEU A 563 14.23 -19.10 -9.51
N PHE A 564 13.79 -17.85 -9.69
CA PHE A 564 13.71 -16.82 -8.61
C PHE A 564 12.31 -16.90 -8.00
N ASP A 565 12.21 -17.57 -6.85
CA ASP A 565 10.97 -17.86 -6.09
C ASP A 565 10.90 -16.76 -5.02
N VAL A 566 9.97 -15.81 -5.19
CA VAL A 566 9.96 -14.53 -4.44
C VAL A 566 8.65 -14.43 -3.70
N GLN A 567 8.74 -14.19 -2.39
CA GLN A 567 7.60 -13.82 -1.52
C GLN A 567 7.98 -12.54 -0.78
N VAL A 568 7.52 -11.40 -1.27
CA VAL A 568 7.76 -10.09 -0.63
C VAL A 568 6.41 -9.45 -0.28
N LYS A 569 6.27 -9.13 1.00
CA LYS A 569 5.06 -8.55 1.64
C LYS A 569 5.33 -8.44 3.13
N ARG A 570 4.53 -7.68 3.85
CA ARG A 570 4.66 -7.60 5.32
C ARG A 570 4.63 -9.03 5.86
N ILE A 571 5.35 -9.27 6.94
CA ILE A 571 5.38 -10.58 7.66
C ILE A 571 4.10 -10.70 8.50
N HIS A 572 3.28 -11.71 8.20
CA HIS A 572 1.96 -12.00 8.82
C HIS A 572 1.75 -13.49 8.89
N GLU A 573 0.97 -13.94 9.87
CA GLU A 573 0.51 -15.35 9.92
C GLU A 573 -0.43 -15.59 8.73
N TYR A 574 -1.33 -14.65 8.40
CA TYR A 574 -2.40 -14.90 7.40
C TYR A 574 -1.78 -15.02 6.01
N LYS A 575 -0.61 -14.42 5.78
CA LYS A 575 0.10 -14.44 4.47
C LYS A 575 0.98 -15.68 4.34
N ARG A 576 1.24 -16.38 5.45
CA ARG A 576 1.73 -17.79 5.48
C ARG A 576 3.11 -17.91 4.81
N GLN A 577 4.00 -16.98 5.13
CA GLN A 577 5.46 -17.16 4.92
C GLN A 577 5.83 -18.53 5.50
N LEU A 578 5.19 -18.98 6.59
CA LEU A 578 5.50 -20.29 7.23
C LEU A 578 5.19 -21.43 6.26
N LEU A 579 4.12 -21.34 5.46
CA LEU A 579 3.83 -22.38 4.45
C LEU A 579 5.03 -22.47 3.48
N ASN A 580 5.51 -21.30 3.03
CA ASN A 580 6.68 -21.20 2.12
C ASN A 580 7.87 -21.87 2.82
N CYS A 581 8.08 -21.60 4.10
CA CYS A 581 9.20 -22.18 4.88
C CYS A 581 9.10 -23.71 4.82
N LEU A 582 7.89 -24.25 4.96
CA LEU A 582 7.68 -25.73 4.98
C LEU A 582 8.04 -26.31 3.62
N HIS A 583 7.69 -25.60 2.54
CA HIS A 583 8.08 -26.05 1.17
C HIS A 583 9.61 -26.05 1.06
N VAL A 584 10.27 -24.97 1.48
CA VAL A 584 11.74 -24.79 1.38
C VAL A 584 12.42 -25.96 2.10
N ILE A 585 11.96 -26.26 3.32
CA ILE A 585 12.58 -27.35 4.14
C ILE A 585 12.32 -28.71 3.47
N THR A 586 11.16 -28.89 2.84
CA THR A 586 10.79 -30.11 2.06
C THR A 586 11.80 -30.30 0.91
N LEU A 587 12.08 -29.24 0.13
CA LEU A 587 13.05 -29.32 -1.00
C LEU A 587 14.43 -29.75 -0.49
N TYR A 588 14.82 -29.23 0.68
CA TYR A 588 16.14 -29.46 1.32
C TYR A 588 16.23 -30.92 1.76
N ASN A 589 15.16 -31.41 2.41
CA ASN A 589 15.08 -32.82 2.90
C ASN A 589 15.07 -33.79 1.70
N ARG A 590 14.43 -33.44 0.60
CA ARG A 590 14.40 -34.27 -0.62
C ARG A 590 15.80 -34.35 -1.26
N ILE A 591 16.52 -33.24 -1.33
CA ILE A 591 17.93 -33.22 -1.84
C ILE A 591 18.78 -34.13 -0.94
N LYS A 592 18.69 -34.03 0.38
CA LYS A 592 19.57 -34.80 1.31
C LYS A 592 19.28 -36.30 1.20
N LYS A 593 18.03 -36.66 0.94
CA LYS A 593 17.57 -38.07 0.81
C LYS A 593 18.19 -38.66 -0.46
N GLU A 594 18.06 -37.94 -1.59
CA GLU A 594 18.56 -38.32 -2.94
C GLU A 594 19.46 -37.21 -3.47
N PRO A 595 20.70 -37.11 -2.95
CA PRO A 595 21.61 -36.02 -3.30
C PRO A 595 21.94 -35.92 -4.81
N ASN A 596 21.92 -37.05 -5.53
CA ASN A 596 22.50 -37.14 -6.90
C ASN A 596 21.40 -37.12 -7.95
N LYS A 597 20.18 -36.71 -7.59
CA LYS A 597 19.03 -36.60 -8.52
C LYS A 597 18.91 -35.15 -8.98
N PHE A 598 18.47 -34.92 -10.22
CA PHE A 598 18.30 -33.56 -10.77
C PHE A 598 17.08 -32.91 -10.13
N VAL A 599 17.24 -31.69 -9.64
CA VAL A 599 16.13 -30.77 -9.27
C VAL A 599 16.37 -29.44 -9.98
N VAL A 600 15.29 -28.79 -10.40
CA VAL A 600 15.34 -27.40 -10.91
C VAL A 600 15.92 -26.53 -9.80
N PRO A 601 17.07 -25.87 -10.03
CA PRO A 601 17.65 -24.98 -9.04
C PRO A 601 16.73 -23.80 -8.71
N ARG A 602 16.68 -23.39 -7.43
CA ARG A 602 15.83 -22.26 -6.98
C ARG A 602 16.66 -21.34 -6.08
N THR A 603 16.46 -20.04 -6.27
CA THR A 603 16.77 -19.00 -5.27
C THR A 603 15.43 -18.64 -4.65
N VAL A 604 15.24 -19.06 -3.40
CA VAL A 604 14.03 -18.72 -2.62
C VAL A 604 14.34 -17.43 -1.85
N MET A 605 13.69 -16.34 -2.25
CA MET A 605 13.84 -15.01 -1.63
C MET A 605 12.54 -14.66 -0.91
N ILE A 606 12.65 -14.41 0.39
CA ILE A 606 11.53 -13.92 1.23
C ILE A 606 11.96 -12.61 1.90
N GLY A 607 11.09 -11.61 1.83
CA GLY A 607 11.38 -10.27 2.38
C GLY A 607 10.13 -9.68 2.96
N GLY A 608 10.28 -8.82 3.96
CA GLY A 608 9.17 -8.12 4.59
C GLY A 608 9.50 -7.71 5.99
N LYS A 609 8.84 -6.66 6.46
CA LYS A 609 8.97 -6.18 7.86
C LYS A 609 7.88 -6.82 8.71
N ALA A 610 8.24 -7.16 9.95
CA ALA A 610 7.29 -7.47 11.03
C ALA A 610 6.98 -6.19 11.82
N ALA A 611 5.75 -5.99 12.25
CA ALA A 611 5.42 -4.92 13.22
C ALA A 611 6.25 -5.15 14.47
N PRO A 612 6.89 -4.11 15.05
CA PRO A 612 7.83 -4.29 16.16
C PRO A 612 7.29 -5.07 17.37
N GLY A 613 5.99 -4.97 17.66
CA GLY A 613 5.37 -5.72 18.77
C GLY A 613 4.77 -7.08 18.39
N TYR A 614 4.94 -7.54 17.14
CA TYR A 614 4.31 -8.79 16.63
C TYR A 614 5.32 -9.93 16.80
N HIS A 615 5.27 -10.59 17.96
CA HIS A 615 6.28 -11.57 18.41
C HIS A 615 6.39 -12.69 17.36
N MET A 616 5.25 -13.23 16.94
CA MET A 616 5.22 -14.41 16.03
C MET A 616 5.85 -14.00 14.68
N ALA A 617 5.55 -12.80 14.18
CA ALA A 617 6.14 -12.31 12.91
C ALA A 617 7.66 -12.21 13.06
N LYS A 618 8.15 -11.79 14.22
CA LYS A 618 9.61 -11.65 14.46
C LYS A 618 10.23 -13.05 14.49
N MET A 619 9.53 -14.04 15.05
CA MET A 619 10.00 -15.45 15.11
C MET A 619 10.11 -16.04 13.69
N ILE A 620 9.14 -15.75 12.82
CA ILE A 620 9.14 -16.23 11.40
C ILE A 620 10.37 -15.71 10.66
N ILE A 621 10.73 -14.43 10.82
CA ILE A 621 11.95 -13.85 10.21
C ILE A 621 13.16 -14.66 10.69
N LYS A 622 13.20 -14.93 11.99
CA LYS A 622 14.36 -15.67 12.58
C LYS A 622 14.41 -17.09 11.98
N LEU A 623 13.27 -17.74 11.78
CA LEU A 623 13.21 -19.10 11.20
C LEU A 623 13.70 -19.07 9.75
N ILE A 624 13.27 -18.06 9.00
CA ILE A 624 13.66 -17.92 7.57
C ILE A 624 15.19 -17.86 7.50
N THR A 625 15.82 -17.04 8.33
CA THR A 625 17.29 -16.82 8.31
C THR A 625 17.96 -18.08 8.87
N ALA A 626 17.33 -18.77 9.83
CA ALA A 626 17.84 -20.03 10.42
C ALA A 626 17.88 -21.12 9.34
N ILE A 627 16.87 -21.17 8.49
CA ILE A 627 16.78 -22.15 7.37
C ILE A 627 17.91 -21.82 6.40
N GLY A 628 18.06 -20.52 6.07
CA GLY A 628 19.13 -20.02 5.19
C GLY A 628 20.52 -20.42 5.65
N ASP A 629 20.79 -20.36 6.96
CA ASP A 629 22.09 -20.72 7.58
C ASP A 629 22.38 -22.21 7.39
N VAL A 630 21.36 -23.08 7.46
CA VAL A 630 21.56 -24.54 7.25
C VAL A 630 21.68 -24.78 5.75
N VAL A 631 20.72 -24.28 4.97
CA VAL A 631 20.60 -24.67 3.53
C VAL A 631 21.80 -24.13 2.76
N ASN A 632 22.10 -22.84 2.92
CA ASN A 632 23.08 -22.11 2.09
C ASN A 632 24.50 -22.60 2.38
N HIS A 633 24.74 -23.31 3.48
CA HIS A 633 26.11 -23.80 3.85
C HIS A 633 26.18 -25.32 3.81
N ASP A 634 25.25 -26.02 3.14
CA ASP A 634 25.33 -27.50 2.97
C ASP A 634 26.01 -27.77 1.63
N PRO A 635 27.21 -28.41 1.64
CA PRO A 635 27.96 -28.64 0.41
C PRO A 635 27.22 -29.54 -0.57
N VAL A 636 26.47 -30.51 -0.05
CA VAL A 636 25.69 -31.47 -0.87
C VAL A 636 24.64 -30.68 -1.68
N VAL A 637 24.14 -29.56 -1.16
CA VAL A 637 23.05 -28.79 -1.83
C VAL A 637 23.62 -28.06 -3.03
N GLY A 638 24.82 -27.50 -2.92
CA GLY A 638 25.47 -26.74 -4.00
C GLY A 638 24.65 -25.50 -4.30
N ASP A 639 24.65 -25.04 -5.56
CA ASP A 639 23.87 -23.85 -5.99
C ASP A 639 22.44 -24.29 -6.35
N ARG A 640 22.00 -25.49 -5.94
CA ARG A 640 20.66 -26.01 -6.31
C ARG A 640 19.57 -25.37 -5.45
N LEU A 641 19.88 -24.98 -4.22
CA LEU A 641 18.86 -24.34 -3.35
C LEU A 641 19.53 -23.27 -2.51
N ARG A 642 19.01 -22.05 -2.61
CA ARG A 642 19.54 -20.90 -1.86
C ARG A 642 18.33 -20.21 -1.21
N VAL A 643 18.44 -19.86 0.07
CA VAL A 643 17.36 -19.18 0.83
C VAL A 643 17.88 -17.81 1.30
N ILE A 644 17.28 -16.75 0.80
CA ILE A 644 17.75 -15.35 1.03
C ILE A 644 16.61 -14.61 1.73
N PHE A 645 16.90 -13.98 2.87
CA PHE A 645 15.99 -13.00 3.48
C PHE A 645 16.35 -11.63 2.93
N LEU A 646 15.45 -11.02 2.16
CA LEU A 646 15.66 -9.66 1.59
C LEU A 646 15.38 -8.60 2.66
N GLU A 647 16.44 -8.01 3.17
CA GLU A 647 16.44 -6.97 4.23
C GLU A 647 15.73 -5.70 3.75
N ASN A 648 15.02 -5.02 4.65
CA ASN A 648 14.43 -3.66 4.47
C ASN A 648 13.53 -3.62 3.21
N TYR A 649 12.67 -4.62 3.02
CA TYR A 649 11.70 -4.60 1.91
C TYR A 649 10.90 -3.30 2.02
N ARG A 650 10.86 -2.56 0.93
CA ARG A 650 10.26 -1.21 0.80
C ARG A 650 10.00 -1.00 -0.69
N VAL A 651 9.40 0.13 -1.06
CA VAL A 651 8.96 0.41 -2.46
C VAL A 651 10.18 0.33 -3.41
N SER A 652 11.31 0.93 -3.06
CA SER A 652 12.48 0.96 -3.97
C SER A 652 13.11 -0.43 -4.11
N LEU A 653 12.95 -1.34 -3.13
CA LEU A 653 13.45 -2.73 -3.28
C LEU A 653 12.46 -3.54 -4.13
N ALA A 654 11.16 -3.31 -3.96
CA ALA A 654 10.11 -3.88 -4.84
C ALA A 654 10.38 -3.53 -6.32
N GLU A 655 10.77 -2.28 -6.60
CA GLU A 655 11.06 -1.87 -7.99
C GLU A 655 12.23 -2.68 -8.54
N LYS A 656 13.16 -3.13 -7.72
CA LYS A 656 14.33 -3.94 -8.14
C LYS A 656 13.99 -5.43 -8.26
N VAL A 657 13.32 -6.02 -7.28
CA VAL A 657 13.21 -7.51 -7.18
C VAL A 657 12.02 -8.01 -8.01
N ILE A 658 10.96 -7.22 -8.14
CA ILE A 658 9.74 -7.74 -8.82
C ILE A 658 10.05 -8.00 -10.29
N PRO A 659 10.74 -7.10 -11.02
CA PRO A 659 11.15 -7.40 -12.40
C PRO A 659 12.09 -8.60 -12.52
N ALA A 660 12.81 -8.94 -11.46
CA ALA A 660 13.76 -10.07 -11.46
C ALA A 660 13.05 -11.40 -11.16
N ALA A 661 11.77 -11.42 -10.79
CA ALA A 661 11.12 -12.63 -10.23
C ALA A 661 10.59 -13.55 -11.35
N ASP A 662 10.66 -14.85 -11.14
CA ASP A 662 10.02 -15.85 -12.04
C ASP A 662 8.68 -16.32 -11.45
N LEU A 663 8.67 -16.64 -10.16
CA LEU A 663 7.49 -17.16 -9.42
C LEU A 663 7.07 -16.17 -8.34
N SER A 664 5.81 -15.73 -8.38
CA SER A 664 5.16 -14.86 -7.35
C SER A 664 4.40 -15.74 -6.37
N GLU A 665 4.64 -15.55 -5.07
CA GLU A 665 4.06 -16.36 -3.97
C GLU A 665 2.94 -15.54 -3.34
N GLN A 666 1.69 -15.96 -3.58
CA GLN A 666 0.45 -15.29 -3.10
C GLN A 666 -0.42 -16.34 -2.40
N ILE A 667 -0.04 -16.69 -1.17
CA ILE A 667 -0.38 -18.00 -0.56
C ILE A 667 -1.08 -17.78 0.77
N SER A 668 -1.81 -16.68 0.89
CA SER A 668 -2.72 -16.36 2.02
C SER A 668 -3.80 -17.43 2.10
N THR A 669 -4.22 -17.79 3.31
CA THR A 669 -5.42 -18.62 3.55
C THR A 669 -6.60 -17.94 2.86
N ALA A 670 -7.38 -18.69 2.09
CA ALA A 670 -8.55 -18.18 1.35
C ALA A 670 -9.46 -17.40 2.31
N GLY A 671 -9.79 -16.16 1.94
CA GLY A 671 -10.70 -15.29 2.70
C GLY A 671 -9.97 -14.32 3.61
N THR A 672 -8.64 -14.34 3.69
CA THR A 672 -7.89 -13.44 4.61
C THR A 672 -7.27 -12.26 3.85
N GLU A 673 -6.81 -12.45 2.61
CA GLU A 673 -6.14 -11.34 1.86
C GLU A 673 -7.21 -10.62 1.05
N ALA A 674 -7.66 -9.45 1.52
CA ALA A 674 -8.82 -8.71 0.95
C ALA A 674 -8.65 -8.60 -0.56
N SER A 675 -7.44 -8.24 -1.01
CA SER A 675 -7.09 -8.08 -2.44
C SER A 675 -5.66 -8.55 -2.67
N GLY A 676 -4.71 -7.88 -2.02
CA GLY A 676 -3.31 -7.89 -2.44
C GLY A 676 -3.10 -7.00 -3.64
N THR A 677 -1.88 -6.49 -3.79
CA THR A 677 -1.45 -5.68 -4.94
C THR A 677 -0.06 -6.05 -5.40
N GLY A 678 0.78 -6.64 -4.53
CA GLY A 678 2.00 -7.33 -4.95
C GLY A 678 1.68 -8.31 -6.07
N ASN A 679 0.63 -9.11 -5.93
CA ASN A 679 0.20 -10.12 -6.92
C ASN A 679 0.16 -9.47 -8.32
N MET A 680 -0.44 -8.28 -8.43
CA MET A 680 -0.61 -7.56 -9.73
C MET A 680 0.74 -7.08 -10.25
N LYS A 681 1.63 -6.64 -9.36
CA LYS A 681 2.90 -6.10 -9.78
C LYS A 681 3.72 -7.18 -10.50
N PHE A 682 3.73 -8.39 -9.92
CA PHE A 682 4.47 -9.51 -10.50
C PHE A 682 3.86 -9.97 -11.82
N MET A 683 2.53 -10.00 -11.92
CA MET A 683 1.82 -10.42 -13.16
C MET A 683 2.27 -9.51 -14.31
N LEU A 684 2.36 -8.21 -14.03
CA LEU A 684 2.70 -7.16 -15.02
C LEU A 684 4.16 -7.31 -15.48
N ASN A 685 5.01 -7.91 -14.63
CA ASN A 685 6.49 -7.92 -14.79
C ASN A 685 7.05 -9.30 -15.18
N GLY A 686 6.19 -10.25 -15.59
CA GLY A 686 6.65 -11.47 -16.28
C GLY A 686 7.01 -12.62 -15.33
N ALA A 687 6.35 -12.66 -14.17
CA ALA A 687 6.42 -13.79 -13.20
C ALA A 687 5.11 -14.58 -13.29
N LEU A 688 5.20 -15.89 -13.12
CA LEU A 688 4.01 -16.75 -12.95
C LEU A 688 3.63 -16.73 -11.48
N THR A 689 2.35 -16.94 -11.19
CA THR A 689 1.80 -16.88 -9.83
C THR A 689 1.48 -18.30 -9.34
N ILE A 690 2.03 -18.65 -8.19
CA ILE A 690 1.52 -19.77 -7.34
C ILE A 690 0.70 -19.13 -6.24
N GLY A 691 -0.58 -19.43 -6.17
CA GLY A 691 -1.46 -18.77 -5.21
C GLY A 691 -2.74 -19.54 -4.93
N THR A 692 -3.36 -19.15 -3.83
CA THR A 692 -4.70 -19.55 -3.40
C THR A 692 -5.75 -18.69 -4.11
N MET A 693 -6.97 -19.20 -4.19
CA MET A 693 -8.14 -18.42 -4.68
C MET A 693 -8.55 -17.45 -3.56
N ASP A 694 -7.72 -16.42 -3.38
CA ASP A 694 -7.90 -15.39 -2.35
C ASP A 694 -7.81 -14.02 -3.02
N GLY A 695 -8.59 -13.06 -2.52
CA GLY A 695 -8.47 -11.65 -2.96
C GLY A 695 -8.47 -11.55 -4.47
N ALA A 696 -7.59 -10.73 -5.03
CA ALA A 696 -7.55 -10.46 -6.48
C ALA A 696 -6.88 -11.61 -7.23
N ASN A 697 -6.27 -12.59 -6.55
CA ASN A 697 -5.77 -13.82 -7.22
C ASN A 697 -6.91 -14.40 -8.07
N VAL A 698 -8.13 -14.41 -7.56
CA VAL A 698 -9.30 -15.01 -8.26
C VAL A 698 -9.54 -14.30 -9.61
N GLU A 699 -9.53 -12.97 -9.61
CA GLU A 699 -9.78 -12.19 -10.85
C GLU A 699 -8.59 -12.31 -11.78
N MET A 700 -7.39 -12.47 -11.23
CA MET A 700 -6.15 -12.58 -12.03
C MET A 700 -6.18 -13.90 -12.83
N ALA A 701 -6.54 -15.02 -12.19
CA ALA A 701 -6.70 -16.36 -12.84
C ALA A 701 -7.83 -16.33 -13.86
N GLU A 702 -8.93 -15.64 -13.54
CA GLU A 702 -10.08 -15.48 -14.46
C GLU A 702 -9.61 -14.74 -15.73
N GLU A 703 -8.85 -13.65 -15.59
CA GLU A 703 -8.35 -12.84 -16.74
C GLU A 703 -7.38 -13.66 -17.59
N ALA A 704 -6.48 -14.44 -16.98
CA ALA A 704 -5.40 -15.14 -17.70
C ALA A 704 -5.84 -16.55 -18.15
N GLY A 705 -6.88 -17.11 -17.53
CA GLY A 705 -7.18 -18.54 -17.62
C GLY A 705 -6.49 -19.29 -16.51
N GLU A 706 -7.23 -20.20 -15.87
CA GLU A 706 -6.76 -21.02 -14.74
C GLU A 706 -5.56 -21.87 -15.14
N GLU A 707 -5.52 -22.35 -16.39
CA GLU A 707 -4.41 -23.19 -16.91
C GLU A 707 -3.10 -22.39 -17.00
N ASN A 708 -3.14 -21.07 -16.85
CA ASN A 708 -1.98 -20.15 -16.94
C ASN A 708 -1.61 -19.63 -15.54
N PHE A 709 -2.16 -20.28 -14.53
CA PHE A 709 -2.03 -19.91 -13.11
C PHE A 709 -1.77 -21.15 -12.28
N PHE A 710 -0.89 -21.09 -11.30
CA PHE A 710 -0.59 -22.22 -10.37
C PHE A 710 -1.46 -22.03 -9.12
N ILE A 711 -2.71 -22.44 -9.25
CA ILE A 711 -3.77 -22.40 -8.21
C ILE A 711 -3.71 -23.69 -7.41
N PHE A 712 -3.75 -23.57 -6.10
CA PHE A 712 -3.76 -24.72 -5.17
C PHE A 712 -4.57 -24.33 -3.92
N GLY A 713 -4.96 -25.36 -3.17
CA GLY A 713 -5.40 -25.25 -1.78
C GLY A 713 -6.89 -25.03 -1.64
N MET A 714 -7.32 -24.88 -0.38
CA MET A 714 -8.73 -24.68 0.02
C MET A 714 -9.22 -23.42 -0.67
N ARG A 715 -10.46 -23.49 -1.15
CA ARG A 715 -11.30 -22.31 -1.45
C ARG A 715 -11.87 -21.80 -0.12
N VAL A 716 -12.44 -20.60 -0.13
CA VAL A 716 -13.19 -20.03 1.03
C VAL A 716 -14.14 -21.10 1.57
N GLU A 717 -14.90 -21.77 0.69
CA GLU A 717 -15.96 -22.74 1.10
C GLU A 717 -15.33 -23.89 1.92
N ASP A 718 -14.15 -24.35 1.50
CA ASP A 718 -13.42 -25.48 2.13
C ASP A 718 -12.97 -25.06 3.52
N VAL A 719 -12.54 -23.81 3.69
CA VAL A 719 -12.06 -23.30 5.01
C VAL A 719 -13.23 -23.33 6.00
N ASP A 720 -14.38 -22.79 5.57
CA ASP A 720 -15.68 -22.85 6.29
C ASP A 720 -16.02 -24.28 6.73
N ARG A 721 -15.88 -25.27 5.85
CA ARG A 721 -16.24 -26.69 6.17
C ARG A 721 -15.30 -27.17 7.27
N LEU A 722 -14.01 -26.90 7.11
CA LEU A 722 -12.99 -27.30 8.11
C LEU A 722 -13.31 -26.64 9.45
N ASP A 723 -13.74 -25.38 9.43
CA ASP A 723 -14.07 -24.59 10.66
C ASP A 723 -15.28 -25.22 11.37
N GLN A 724 -16.33 -25.59 10.63
CA GLN A 724 -17.54 -26.26 11.19
C GLN A 724 -17.13 -27.59 11.82
N ARG A 725 -16.30 -28.37 11.14
CA ARG A 725 -15.85 -29.69 11.64
C ARG A 725 -14.89 -29.50 12.82
N GLY A 726 -13.99 -28.50 12.73
CA GLY A 726 -12.87 -28.25 13.67
C GLY A 726 -11.52 -28.56 13.03
N TYR A 727 -10.59 -27.60 13.03
CA TYR A 727 -9.23 -27.80 12.47
C TYR A 727 -8.36 -28.55 13.48
N ASN A 728 -8.04 -29.81 13.17
CA ASN A 728 -7.08 -30.66 13.91
C ASN A 728 -5.79 -30.81 13.07
N ALA A 729 -4.78 -30.01 13.42
CA ALA A 729 -3.45 -30.00 12.76
C ALA A 729 -2.79 -31.36 12.95
N GLN A 730 -3.09 -32.05 14.06
CA GLN A 730 -2.51 -33.38 14.41
C GLN A 730 -2.76 -34.38 13.27
N GLU A 731 -4.00 -34.41 12.74
CA GLU A 731 -4.44 -35.28 11.62
C GLU A 731 -3.42 -35.21 10.47
N TYR A 732 -2.97 -33.99 10.09
CA TYR A 732 -2.05 -33.74 8.96
C TYR A 732 -0.66 -34.24 9.33
N TYR A 733 -0.22 -33.93 10.54
CA TYR A 733 1.08 -34.37 11.10
C TYR A 733 1.13 -35.91 11.08
N ASP A 734 0.03 -36.59 11.42
CA ASP A 734 -0.01 -38.08 11.52
C ASP A 734 -0.06 -38.72 10.14
N ARG A 735 -0.55 -38.02 9.10
CA ARG A 735 -0.83 -38.63 7.78
C ARG A 735 0.27 -38.29 6.78
N ILE A 736 1.08 -37.26 7.03
CA ILE A 736 2.10 -36.80 6.04
C ILE A 736 3.48 -36.94 6.67
N PRO A 737 4.22 -38.02 6.33
CA PRO A 737 5.55 -38.29 6.90
C PRO A 737 6.51 -37.11 6.64
N GLU A 738 6.47 -36.56 5.43
CA GLU A 738 7.35 -35.42 5.02
C GLU A 738 7.10 -34.25 5.97
N LEU A 739 5.85 -34.02 6.36
CA LEU A 739 5.49 -32.89 7.27
C LEU A 739 5.93 -33.21 8.70
N ARG A 740 5.71 -34.43 9.14
CA ARG A 740 6.11 -34.89 10.50
C ARG A 740 7.62 -34.65 10.66
N GLN A 741 8.43 -35.13 9.72
CA GLN A 741 9.90 -34.93 9.70
C GLN A 741 10.25 -33.45 9.88
N ILE A 742 9.55 -32.52 9.20
CA ILE A 742 9.88 -31.06 9.32
C ILE A 742 9.62 -30.58 10.76
N ILE A 743 8.47 -30.95 11.33
CA ILE A 743 8.07 -30.52 12.70
C ILE A 743 9.05 -31.11 13.70
N GLU A 744 9.56 -32.31 13.44
CA GLU A 744 10.53 -32.98 14.34
C GLU A 744 11.86 -32.20 14.26
N GLN A 745 12.23 -31.75 13.06
CA GLN A 745 13.49 -30.98 12.84
C GLN A 745 13.42 -29.68 13.64
N LEU A 746 12.31 -28.92 13.50
CA LEU A 746 12.08 -27.63 14.20
C LEU A 746 12.18 -27.80 15.71
N SER A 747 11.51 -28.82 16.26
CA SER A 747 11.39 -29.12 17.71
C SER A 747 12.74 -29.50 18.31
N SER A 748 13.54 -30.30 17.60
CA SER A 748 14.77 -30.93 18.16
C SER A 748 15.97 -29.99 17.99
N GLY A 749 15.83 -28.89 17.26
CA GLY A 749 16.87 -27.87 17.11
C GLY A 749 17.80 -28.16 15.95
N PHE A 750 17.33 -28.85 14.92
CA PHE A 750 18.09 -29.03 13.67
C PHE A 750 18.47 -27.65 13.11
N PHE A 751 17.59 -26.68 13.22
CA PHE A 751 17.76 -25.30 12.67
C PHE A 751 18.20 -24.30 13.74
N SER A 752 18.50 -24.76 14.96
CA SER A 752 18.90 -23.88 16.08
C SER A 752 19.74 -24.67 17.06
N PRO A 753 20.95 -25.15 16.66
CA PRO A 753 21.70 -26.11 17.45
C PRO A 753 22.07 -25.56 18.84
N LYS A 754 22.42 -24.27 18.90
CA LYS A 754 22.87 -23.62 20.17
C LYS A 754 21.66 -23.45 21.09
N GLN A 755 20.47 -23.10 20.56
CA GLN A 755 19.20 -23.00 21.31
C GLN A 755 18.19 -24.02 20.78
N PRO A 756 18.27 -25.30 21.16
CA PRO A 756 17.32 -26.32 20.70
C PRO A 756 15.81 -25.97 20.74
N ASP A 757 15.36 -25.18 21.70
CA ASP A 757 13.92 -24.87 21.93
C ASP A 757 13.53 -23.53 21.29
N LEU A 758 14.38 -22.94 20.46
CA LEU A 758 14.19 -21.53 20.01
C LEU A 758 12.82 -21.37 19.32
N PHE A 759 12.37 -22.38 18.59
CA PHE A 759 11.18 -22.33 17.69
C PHE A 759 9.99 -23.07 18.33
N LYS A 760 10.00 -23.27 19.64
CA LYS A 760 8.91 -24.03 20.30
C LYS A 760 7.59 -23.27 20.10
N ASP A 761 7.63 -21.93 20.05
CA ASP A 761 6.38 -21.12 19.97
C ASP A 761 5.73 -21.36 18.62
N ILE A 762 6.56 -21.55 17.58
CA ILE A 762 6.14 -21.76 16.17
C ILE A 762 5.52 -23.16 16.05
N VAL A 763 6.20 -24.19 16.55
CA VAL A 763 5.67 -25.57 16.50
C VAL A 763 4.33 -25.61 17.23
N ASN A 764 4.27 -25.06 18.44
CA ASN A 764 3.09 -25.14 19.34
C ASN A 764 1.89 -24.47 18.63
N MET A 765 2.12 -23.34 17.98
CA MET A 765 1.06 -22.60 17.27
C MET A 765 0.57 -23.44 16.09
N LEU A 766 1.48 -24.02 15.30
CA LEU A 766 1.14 -24.84 14.10
C LEU A 766 0.32 -26.07 14.49
N MET A 767 0.65 -26.67 15.64
CA MET A 767 0.01 -27.93 16.13
C MET A 767 -1.32 -27.62 16.82
N HIS A 768 -1.44 -26.52 17.58
CA HIS A 768 -2.60 -26.30 18.49
C HIS A 768 -3.39 -25.02 18.20
N HIS A 769 -2.79 -23.96 17.66
CA HIS A 769 -3.45 -22.61 17.64
C HIS A 769 -3.31 -21.93 16.26
N ASP A 770 -3.37 -22.69 15.17
CA ASP A 770 -3.14 -22.12 13.81
C ASP A 770 -4.48 -21.65 13.25
N ARG A 771 -4.74 -20.34 13.28
CA ARG A 771 -5.97 -19.75 12.72
C ARG A 771 -5.95 -19.86 11.20
N PHE A 772 -4.78 -20.06 10.57
CA PHE A 772 -4.63 -19.92 9.10
C PHE A 772 -4.32 -21.26 8.41
N LYS A 773 -4.37 -22.37 9.16
CA LYS A 773 -4.55 -23.74 8.59
C LYS A 773 -3.42 -24.07 7.61
N VAL A 774 -2.19 -23.77 8.01
CA VAL A 774 -0.94 -23.98 7.19
C VAL A 774 -0.88 -25.45 6.74
N PHE A 775 -1.08 -26.41 7.65
CA PHE A 775 -0.96 -27.85 7.32
C PHE A 775 -2.04 -28.25 6.30
N ALA A 776 -3.23 -27.66 6.39
CA ALA A 776 -4.36 -28.02 5.50
C ALA A 776 -3.97 -27.81 4.03
N ASP A 777 -3.05 -26.87 3.76
CA ASP A 777 -2.67 -26.53 2.37
C ASP A 777 -1.27 -27.09 2.01
N TYR A 778 -0.61 -27.81 2.92
CA TYR A 778 0.80 -28.23 2.72
C TYR A 778 0.91 -29.14 1.52
N GLU A 779 0.20 -30.26 1.50
CA GLU A 779 0.26 -31.28 0.41
C GLU A 779 -0.04 -30.67 -0.95
N GLU A 780 -1.12 -29.91 -1.09
CA GLU A 780 -1.53 -29.30 -2.39
C GLU A 780 -0.45 -28.31 -2.85
N TYR A 781 0.14 -27.54 -1.91
CA TYR A 781 1.20 -26.53 -2.19
C TYR A 781 2.44 -27.23 -2.76
N VAL A 782 2.89 -28.31 -2.11
CA VAL A 782 4.13 -29.01 -2.53
C VAL A 782 3.91 -29.61 -3.92
N LYS A 783 2.77 -30.25 -4.16
CA LYS A 783 2.45 -30.87 -5.46
C LYS A 783 2.44 -29.79 -6.52
N CYS A 784 1.81 -28.65 -6.24
CA CYS A 784 1.68 -27.52 -7.17
C CYS A 784 3.08 -26.91 -7.47
N GLN A 785 3.94 -26.78 -6.46
CA GLN A 785 5.36 -26.36 -6.60
C GLN A 785 6.15 -27.33 -7.50
N GLU A 786 5.80 -28.61 -7.55
CA GLU A 786 6.44 -29.61 -8.46
C GLU A 786 6.04 -29.30 -9.91
N ARG A 787 4.78 -28.92 -10.14
CA ARG A 787 4.29 -28.50 -11.48
C ARG A 787 5.03 -27.23 -11.95
N VAL A 788 5.42 -26.35 -11.03
CA VAL A 788 6.13 -25.09 -11.37
C VAL A 788 7.51 -25.49 -11.87
N SER A 789 8.19 -26.35 -11.11
CA SER A 789 9.55 -26.85 -11.43
C SER A 789 9.54 -27.51 -12.81
N ALA A 790 8.52 -28.30 -13.10
CA ALA A 790 8.40 -29.06 -14.37
C ALA A 790 8.26 -28.07 -15.52
N LEU A 791 7.49 -27.01 -15.36
CA LEU A 791 7.27 -26.05 -16.47
C LEU A 791 8.55 -25.22 -16.70
N TYR A 792 9.31 -24.96 -15.65
CA TYR A 792 10.55 -24.13 -15.72
C TYR A 792 11.61 -24.88 -16.55
N LYS A 793 11.58 -26.21 -16.57
CA LYS A 793 12.48 -27.06 -17.40
C LYS A 793 12.22 -26.83 -18.89
N ASN A 794 11.07 -26.30 -19.26
CA ASN A 794 10.69 -26.01 -20.67
C ASN A 794 10.60 -24.50 -20.86
N PRO A 795 11.75 -23.80 -20.98
CA PRO A 795 11.78 -22.33 -21.09
C PRO A 795 10.79 -21.70 -22.09
N ARG A 796 10.59 -22.34 -23.24
CA ARG A 796 9.70 -21.79 -24.30
C ARG A 796 8.26 -21.75 -23.78
N GLU A 797 7.82 -22.82 -23.11
CA GLU A 797 6.43 -22.92 -22.63
C GLU A 797 6.27 -22.09 -21.33
N TRP A 798 7.32 -21.99 -20.52
CA TRP A 798 7.32 -21.05 -19.38
C TRP A 798 7.04 -19.64 -19.93
N THR A 799 7.78 -19.23 -20.95
CA THR A 799 7.71 -17.83 -21.45
C THR A 799 6.36 -17.59 -22.14
N ARG A 800 5.81 -18.61 -22.80
CA ARG A 800 4.50 -18.48 -23.50
C ARG A 800 3.42 -18.25 -22.44
N MET A 801 3.53 -18.94 -21.30
CA MET A 801 2.59 -18.75 -20.18
C MET A 801 2.79 -17.34 -19.58
N VAL A 802 4.04 -16.88 -19.44
CA VAL A 802 4.36 -15.50 -18.99
C VAL A 802 3.64 -14.50 -19.91
N ILE A 803 3.73 -14.68 -21.22
CA ILE A 803 3.12 -13.75 -22.19
C ILE A 803 1.60 -13.70 -21.99
N ARG A 804 0.97 -14.86 -21.78
CA ARG A 804 -0.49 -14.97 -21.54
C ARG A 804 -0.87 -14.20 -20.25
N ASN A 805 0.07 -14.08 -19.28
CA ASN A 805 -0.18 -13.37 -17.99
C ASN A 805 -0.06 -11.87 -18.26
N ILE A 806 1.09 -11.44 -18.79
CA ILE A 806 1.35 -10.00 -19.08
C ILE A 806 0.21 -9.47 -19.94
N ALA A 807 -0.19 -10.23 -20.94
CA ALA A 807 -1.14 -9.81 -21.98
C ALA A 807 -2.55 -9.61 -21.40
N THR A 808 -2.87 -10.24 -20.27
CA THR A 808 -4.20 -10.14 -19.60
C THR A 808 -4.10 -9.38 -18.27
N SER A 809 -3.03 -8.65 -18.00
CA SER A 809 -2.84 -7.93 -16.71
C SER A 809 -3.52 -6.55 -16.73
N GLY A 810 -4.16 -6.16 -17.85
CA GLY A 810 -4.65 -4.78 -18.06
C GLY A 810 -5.75 -4.37 -17.09
N LYS A 811 -6.58 -5.31 -16.65
CA LYS A 811 -7.66 -5.02 -15.68
C LYS A 811 -7.09 -4.45 -14.37
N PHE A 812 -5.83 -4.75 -14.05
CA PHE A 812 -5.24 -4.49 -12.71
C PHE A 812 -4.49 -3.15 -12.71
N SER A 813 -4.68 -2.35 -13.76
CA SER A 813 -4.31 -0.92 -13.76
C SER A 813 -5.23 -0.15 -12.80
N SER A 814 -4.65 0.61 -11.90
CA SER A 814 -5.38 1.58 -11.03
C SER A 814 -6.11 2.63 -11.89
N ASP A 815 -5.82 2.77 -13.20
CA ASP A 815 -6.59 3.70 -14.06
C ASP A 815 -8.02 3.16 -14.22
N ARG A 816 -8.14 1.85 -14.42
CA ARG A 816 -9.45 1.15 -14.43
C ARG A 816 -10.15 1.37 -13.09
N THR A 817 -9.47 1.10 -11.98
CA THR A 817 -10.02 1.23 -10.61
C THR A 817 -10.58 2.63 -10.39
N ILE A 818 -9.82 3.66 -10.75
CA ILE A 818 -10.17 5.07 -10.44
C ILE A 818 -11.32 5.51 -11.35
N ALA A 819 -11.30 5.10 -12.62
CA ALA A 819 -12.41 5.39 -13.56
C ALA A 819 -13.71 4.84 -12.96
N GLN A 820 -13.64 3.67 -12.32
CA GLN A 820 -14.83 3.01 -11.68
C GLN A 820 -15.24 3.77 -10.42
N TYR A 821 -14.30 4.16 -9.55
CA TYR A 821 -14.60 5.03 -8.38
C TYR A 821 -15.31 6.32 -8.85
N ALA A 822 -14.74 6.95 -9.88
CA ALA A 822 -15.19 8.24 -10.46
C ALA A 822 -16.64 8.14 -11.00
N ARG A 823 -16.94 7.10 -11.77
CA ARG A 823 -18.26 6.96 -12.44
C ARG A 823 -19.29 6.44 -11.44
N GLU A 824 -18.92 5.49 -10.57
CA GLU A 824 -19.91 4.72 -9.77
C GLU A 824 -20.03 5.27 -8.35
N ILE A 825 -19.13 6.13 -7.89
CA ILE A 825 -19.15 6.65 -6.49
C ILE A 825 -19.09 8.18 -6.46
N TRP A 826 -18.15 8.80 -7.16
CA TRP A 826 -17.85 10.25 -6.97
C TRP A 826 -18.73 11.08 -7.91
N GLY A 827 -19.20 10.48 -9.01
CA GLY A 827 -20.09 11.13 -9.98
C GLY A 827 -19.34 12.13 -10.85
N VAL A 828 -18.10 11.82 -11.26
CA VAL A 828 -17.26 12.67 -12.14
C VAL A 828 -16.78 11.82 -13.32
N GLU A 829 -16.49 12.44 -14.45
CA GLU A 829 -16.10 11.74 -15.69
C GLU A 829 -14.59 11.89 -15.81
N PRO A 830 -13.81 10.79 -15.85
CA PRO A 830 -12.39 10.92 -16.14
C PRO A 830 -12.15 11.52 -17.53
N SER A 831 -10.92 11.96 -17.80
CA SER A 831 -10.49 12.61 -19.06
C SER A 831 -9.03 12.24 -19.34
N ARG A 832 -8.65 11.97 -20.59
CA ARG A 832 -7.24 11.69 -20.97
C ARG A 832 -6.68 12.87 -21.79
N GLN A 833 -7.40 14.00 -21.84
CA GLN A 833 -7.00 15.20 -22.62
C GLN A 833 -5.93 16.01 -21.88
N ARG A 834 -4.89 16.41 -22.62
CA ARG A 834 -3.81 17.32 -22.16
C ARG A 834 -4.41 18.66 -21.71
N LEU A 835 -3.91 19.18 -20.58
CA LEU A 835 -3.85 20.63 -20.26
C LEU A 835 -2.76 21.24 -21.14
N PRO A 836 -2.80 22.55 -21.46
CA PRO A 836 -1.69 23.20 -22.18
C PRO A 836 -0.44 23.32 -21.31
N ALA A 837 0.76 23.27 -21.91
CA ALA A 837 2.07 23.13 -21.22
C ALA A 837 2.48 24.47 -20.58
C11 KUQ B . -2.92 -1.00 7.29
N3 KUQ B . -5.79 -3.21 6.33
C10 KUQ B . -2.44 -0.22 8.33
C8 KUQ B . -4.32 -0.81 9.65
C7 KUQ B . -4.80 -1.60 8.62
C4 KUQ B . -4.61 -2.54 6.33
C9 KUQ B . -3.14 -0.12 9.50
O5' KUQ B . -4.94 -3.18 2.12
C5' KUQ B . -4.53 -3.49 0.77
C4' KUQ B . -5.04 -4.88 0.37
C3' KUQ B . -4.62 -5.94 1.38
C2' KUQ B . -4.98 -5.50 2.80
C1' KUQ B . -4.42 -4.11 3.08
C1 KUQ B . -4.78 -3.60 4.45
N5 KUQ B . -3.98 -2.78 5.18
C2 KUQ B . -5.90 -3.86 5.16
C6 KUQ B . -4.11 -1.71 7.42
O2' KUQ B . -4.45 -6.43 3.76
O3' KUQ B . -5.25 -7.18 1.03
O4' KUQ B . -4.53 -5.21 -0.92
C6' KUQ B . -5.09 -2.38 -0.10
O6' KUQ B . -6.48 -2.54 -0.40
S DMS C . -6.30 26.21 -3.20
O DMS C . -7.43 27.00 -2.58
C1 DMS C . -5.51 27.30 -4.38
C2 DMS C . -4.99 26.15 -1.99
N1 PLP D . 4.87 -3.40 0.42
C2 PLP D . 5.38 -2.76 -0.63
C2A PLP D . 6.69 -2.06 -0.46
C3 PLP D . 4.73 -2.77 -1.87
O3 PLP D . 5.29 -2.11 -2.90
C4 PLP D . 3.50 -3.45 -1.99
C4A PLP D . 2.81 -3.45 -3.29
C5 PLP D . 2.98 -4.10 -0.86
C6 PLP D . 3.70 -4.06 0.31
C5A PLP D . 1.70 -4.90 -0.87
O4P PLP D . 2.04 -6.26 -1.24
P PLP D . 1.06 -7.50 -0.93
O1P PLP D . 1.70 -8.70 -1.57
O2P PLP D . 1.04 -7.59 0.60
O3P PLP D . -0.26 -7.10 -1.57
#